data_1SNZ
#
_entry.id   1SNZ
#
_cell.length_a   60.700
_cell.length_b   90.700
_cell.length_c   70.000
_cell.angle_alpha   90.00
_cell.angle_beta   102.50
_cell.angle_gamma   90.00
#
_symmetry.space_group_name_H-M   'P 1 21 1'
#
loop_
_entity.id
_entity.type
_entity.pdbx_description
1 polymer 'aldose 1-epimerase'
2 water water
#
_entity_poly.entity_id   1
_entity_poly.type   'polypeptide(L)'
_entity_poly.pdbx_seq_one_letter_code
;GHMASVTRAVFGELPSGGGTVEKFQLQSDLLRVDIISWGCTITALEVKDRQGRASDVVLGFAELEGYLQKQPYFGAVIGR
VANRIAKGTFKVDGKEYHLAINKEPNSLHGGVRGFDKVLWTPRVLSNGVQFSRISPDGEEGYPGELKVWVTYTLDGGELI
VNYRAQASQATPVNLTNHSYFNLAGQASPNINDHEVTIEADTYLPVDETLIPTGEVAPVQGTAFDLRKPVELGKHLQDFH
LNGFDHNFCLKGSKEKHFCARVHHAASGRVLEVYTTQPGVQFYTGNFLDGTLKGKNGAVYPKHSGFCLETQNWPDAVNQP
RFPPVLLRPGEEYDHTTWFKFSVA
;
_entity_poly.pdbx_strand_id   A,B
#
# COMPACT_ATOMS: atom_id res chain seq x y z
N GLY A 1 -18.30 -13.51 50.98
CA GLY A 1 -16.89 -13.58 50.57
C GLY A 1 -16.57 -14.91 49.90
N HIS A 2 -16.35 -14.89 48.59
CA HIS A 2 -16.07 -16.10 47.87
C HIS A 2 -14.69 -16.18 47.27
N MET A 3 -14.28 -17.39 47.06
CA MET A 3 -13.01 -17.63 46.46
C MET A 3 -12.98 -17.11 45.04
N ALA A 4 -11.92 -16.42 44.65
CA ALA A 4 -11.89 -15.88 43.30
C ALA A 4 -11.65 -16.83 42.15
N SER A 5 -12.10 -16.39 41.02
CA SER A 5 -11.94 -17.04 39.74
C SER A 5 -10.81 -16.28 39.06
N VAL A 6 -10.07 -16.94 38.21
CA VAL A 6 -8.96 -16.29 37.54
C VAL A 6 -9.11 -16.34 36.03
N THR A 7 -8.81 -15.20 35.41
CA THR A 7 -8.88 -14.99 33.97
C THR A 7 -7.57 -14.45 33.44
N ARG A 8 -7.20 -14.78 32.21
CA ARG A 8 -5.96 -14.24 31.71
C ARG A 8 -6.05 -13.71 30.29
N ALA A 9 -5.17 -12.78 29.96
CA ALA A 9 -5.16 -12.18 28.63
C ALA A 9 -3.82 -11.52 28.32
N VAL A 10 -3.65 -11.22 27.06
CA VAL A 10 -2.45 -10.51 26.65
C VAL A 10 -2.68 -9.02 26.92
N PHE A 11 -1.78 -8.39 27.65
CA PHE A 11 -1.90 -7.01 27.97
C PHE A 11 -1.03 -6.16 27.08
N GLY A 12 0.20 -6.60 26.86
CA GLY A 12 1.15 -5.87 26.06
C GLY A 12 2.36 -6.69 25.63
N GLU A 13 3.25 -6.02 24.91
CA GLU A 13 4.43 -6.66 24.40
C GLU A 13 5.64 -5.76 24.58
N LEU A 14 6.62 -6.25 25.31
CA LEU A 14 7.84 -5.56 25.59
C LEU A 14 8.70 -5.37 24.35
N PRO A 15 9.17 -4.13 24.24
CA PRO A 15 10.05 -3.67 23.15
C PRO A 15 11.32 -4.48 23.09
N SER A 16 11.94 -4.49 21.91
CA SER A 16 13.18 -5.24 21.75
C SER A 16 12.93 -6.71 22.04
N GLY A 17 11.84 -7.25 21.47
CA GLY A 17 11.48 -8.64 21.69
C GLY A 17 11.57 -9.00 23.17
N GLY A 18 11.27 -8.02 24.02
CA GLY A 18 11.33 -8.25 25.45
C GLY A 18 10.39 -9.38 25.88
N GLY A 19 9.35 -9.62 25.09
CA GLY A 19 8.44 -10.68 25.48
C GLY A 19 7.03 -10.19 25.68
N THR A 20 6.15 -11.15 25.88
CA THR A 20 4.73 -10.89 26.07
C THR A 20 4.29 -10.69 27.51
N VAL A 21 3.65 -9.57 27.81
CA VAL A 21 3.17 -9.38 29.15
C VAL A 21 1.70 -9.78 29.22
N GLU A 22 1.32 -10.61 30.22
CA GLU A 22 -0.09 -11.00 30.38
C GLU A 22 -0.74 -10.26 31.52
N LYS A 23 -2.05 -10.28 31.54
CA LYS A 23 -2.79 -9.64 32.60
C LYS A 23 -3.64 -10.71 33.20
N PHE A 24 -3.67 -10.80 34.52
CA PHE A 24 -4.47 -11.81 35.23
C PHE A 24 -5.48 -11.12 36.08
N GLN A 25 -6.72 -11.55 35.94
CA GLN A 25 -7.75 -10.89 36.70
C GLN A 25 -8.39 -11.81 37.70
N LEU A 26 -8.28 -11.39 38.95
CA LEU A 26 -8.78 -12.12 40.07
C LEU A 26 -10.05 -11.44 40.49
N GLN A 27 -11.14 -12.18 40.41
CA GLN A 27 -12.42 -11.62 40.79
C GLN A 27 -13.15 -12.51 41.73
N SER A 28 -13.69 -11.86 42.76
CA SER A 28 -14.49 -12.52 43.78
C SER A 28 -15.84 -11.82 43.78
N ASP A 29 -16.68 -12.13 44.71
CA ASP A 29 -17.95 -11.41 44.71
C ASP A 29 -17.79 -9.98 45.23
N LEU A 30 -16.70 -9.73 45.96
CA LEU A 30 -16.36 -8.47 46.59
C LEU A 30 -15.28 -7.64 45.95
N LEU A 31 -14.32 -8.30 45.29
CA LEU A 31 -13.29 -7.49 44.66
C LEU A 31 -12.96 -8.02 43.31
N ARG A 32 -12.19 -7.17 42.63
CA ARG A 32 -11.61 -7.47 41.35
C ARG A 32 -10.23 -6.85 41.33
N VAL A 33 -9.24 -7.70 41.12
CA VAL A 33 -7.86 -7.27 41.12
C VAL A 33 -7.23 -7.61 39.79
N ASP A 34 -6.49 -6.67 39.24
CA ASP A 34 -5.77 -6.88 37.98
C ASP A 34 -4.29 -6.90 38.23
N ILE A 35 -3.61 -7.91 37.69
CA ILE A 35 -2.18 -8.03 37.89
C ILE A 35 -1.44 -8.44 36.64
N ILE A 36 -0.33 -7.77 36.35
CA ILE A 36 0.47 -8.11 35.19
C ILE A 36 1.81 -8.70 35.54
N SER A 37 2.29 -9.55 34.64
CA SER A 37 3.53 -10.30 34.77
C SER A 37 4.80 -9.50 34.72
N TRP A 38 4.65 -8.21 34.46
CA TRP A 38 5.83 -7.37 34.39
C TRP A 38 5.92 -6.74 35.75
N GLY A 39 6.90 -7.14 36.51
CA GLY A 39 7.05 -6.61 37.84
C GLY A 39 5.90 -6.97 38.79
N CYS A 40 5.14 -8.05 38.52
CA CYS A 40 3.99 -8.49 39.34
C CYS A 40 3.15 -7.28 39.77
N THR A 41 2.92 -6.39 38.81
CA THR A 41 2.23 -5.13 39.04
C THR A 41 0.72 -5.14 39.15
N ILE A 42 0.26 -4.62 40.26
CA ILE A 42 -1.15 -4.53 40.45
C ILE A 42 -1.54 -3.27 39.70
N THR A 43 -2.33 -3.46 38.65
CA THR A 43 -2.75 -2.35 37.79
C THR A 43 -4.12 -1.75 38.15
N ALA A 44 -5.02 -2.56 38.73
CA ALA A 44 -6.34 -2.10 39.08
C ALA A 44 -6.91 -2.82 40.27
N LEU A 45 -7.62 -2.07 41.11
CA LEU A 45 -8.21 -2.67 42.30
C LEU A 45 -9.51 -2.01 42.60
N GLU A 46 -10.56 -2.73 42.21
CA GLU A 46 -11.92 -2.28 42.36
C GLU A 46 -12.56 -2.74 43.64
N VAL A 47 -12.99 -1.77 44.44
CA VAL A 47 -13.62 -2.00 45.73
C VAL A 47 -14.94 -1.24 45.79
N LYS A 48 -15.90 -1.80 46.50
CA LYS A 48 -17.25 -1.26 46.65
C LYS A 48 -17.42 -0.28 47.83
N ASP A 49 -18.36 0.66 47.69
CA ASP A 49 -18.65 1.59 48.76
C ASP A 49 -19.91 1.11 49.44
N ARG A 50 -20.50 1.90 50.34
CA ARG A 50 -21.73 1.50 51.00
C ARG A 50 -22.81 1.19 49.98
N GLN A 51 -22.85 1.99 48.93
CA GLN A 51 -23.83 1.80 47.88
C GLN A 51 -23.50 0.65 46.96
N GLY A 52 -22.52 -0.14 47.33
CA GLY A 52 -22.14 -1.22 46.46
C GLY A 52 -21.54 -0.68 45.17
N ARG A 53 -21.16 0.60 45.17
CA ARG A 53 -20.56 1.11 43.97
C ARG A 53 -19.07 0.78 44.01
N ALA A 54 -18.57 0.13 42.97
CA ALA A 54 -17.18 -0.21 42.92
C ALA A 54 -16.30 0.84 42.25
N SER A 55 -15.25 1.22 42.96
CA SER A 55 -14.31 2.17 42.47
C SER A 55 -12.92 1.54 42.41
N ASP A 56 -12.18 1.83 41.33
CA ASP A 56 -10.82 1.33 41.19
C ASP A 56 -10.03 2.17 42.16
N VAL A 57 -9.44 1.52 43.13
CA VAL A 57 -8.75 2.23 44.19
C VAL A 57 -7.23 2.36 44.18
N VAL A 58 -6.61 2.00 43.06
CA VAL A 58 -5.18 2.12 42.96
C VAL A 58 -4.82 2.89 41.72
N LEU A 59 -3.80 3.74 41.87
CA LEU A 59 -3.23 4.55 40.80
C LEU A 59 -2.48 3.62 39.87
N GLY A 60 -2.53 3.92 38.59
CA GLY A 60 -1.85 3.05 37.66
C GLY A 60 -2.04 3.51 36.24
N PHE A 61 -1.74 2.61 35.30
CA PHE A 61 -1.82 2.93 33.89
C PHE A 61 -2.67 1.98 33.09
N ALA A 62 -3.30 2.54 32.08
CA ALA A 62 -4.17 1.78 31.21
C ALA A 62 -3.42 0.84 30.29
N GLU A 63 -2.18 1.16 30.06
CA GLU A 63 -1.42 0.33 29.17
C GLU A 63 -0.06 0.09 29.68
N LEU A 64 0.54 -0.88 29.09
CA LEU A 64 1.86 -1.19 29.44
C LEU A 64 2.78 0.02 29.26
N GLU A 65 2.81 0.56 28.07
CA GLU A 65 3.68 1.71 27.85
C GLU A 65 3.70 2.63 29.05
N GLY A 66 2.55 2.84 29.65
CA GLY A 66 2.48 3.71 30.81
C GLY A 66 3.37 3.25 31.94
N TYR A 67 3.54 1.95 32.07
CA TYR A 67 4.39 1.45 33.14
C TYR A 67 5.86 1.63 32.83
N LEU A 68 6.18 1.55 31.54
CA LEU A 68 7.54 1.66 31.05
C LEU A 68 8.10 3.07 31.07
N GLN A 69 7.24 4.05 31.07
CA GLN A 69 7.82 5.37 31.07
C GLN A 69 8.38 5.66 32.44
N LYS A 70 8.96 6.83 32.59
CA LYS A 70 9.53 7.20 33.86
C LYS A 70 8.43 7.47 34.90
N GLN A 71 8.18 6.49 35.77
CA GLN A 71 7.15 6.61 36.82
C GLN A 71 7.65 6.02 38.12
N PRO A 72 7.11 6.52 39.20
CA PRO A 72 7.54 6.09 40.50
C PRO A 72 7.05 4.78 41.04
N TYR A 73 7.44 3.69 40.43
CA TYR A 73 7.14 2.36 40.95
C TYR A 73 5.71 1.93 41.16
N PHE A 74 4.76 2.53 40.47
CA PHE A 74 3.38 2.13 40.64
C PHE A 74 3.08 0.64 40.73
N GLY A 75 2.46 0.31 41.88
CA GLY A 75 1.93 -0.96 42.32
C GLY A 75 2.70 -2.23 42.06
N ALA A 76 4.02 -2.11 41.84
CA ALA A 76 4.86 -3.26 41.56
C ALA A 76 5.52 -3.88 42.78
N VAL A 77 6.14 -5.03 42.52
CA VAL A 77 6.93 -5.72 43.52
C VAL A 77 8.31 -5.09 43.52
N ILE A 78 8.83 -4.82 44.71
CA ILE A 78 10.12 -4.19 44.80
C ILE A 78 11.13 -5.06 45.49
N GLY A 79 12.32 -5.16 44.85
CA GLY A 79 13.45 -5.96 45.28
C GLY A 79 14.60 -5.78 44.32
N ARG A 80 15.73 -6.43 44.54
CA ARG A 80 16.00 -7.38 45.63
C ARG A 80 15.85 -6.81 47.04
N VAL A 81 16.14 -5.51 47.19
CA VAL A 81 16.04 -4.87 48.48
C VAL A 81 15.28 -3.55 48.41
N ALA A 82 14.12 -3.53 49.07
CA ALA A 82 13.27 -2.36 49.08
C ALA A 82 13.89 -1.21 49.84
N ASN A 83 13.57 -0.03 49.37
CA ASN A 83 14.06 1.15 50.00
C ASN A 83 15.54 1.41 49.76
N ARG A 84 16.14 2.21 50.64
CA ARG A 84 17.52 2.64 50.56
C ARG A 84 18.58 1.86 51.30
N ILE A 85 19.75 1.93 50.66
CA ILE A 85 20.99 1.36 51.15
C ILE A 85 22.06 2.42 51.06
N ALA A 86 22.41 2.92 52.23
CA ALA A 86 23.39 3.96 52.32
C ALA A 86 24.57 3.72 51.44
N LYS A 87 24.87 4.75 50.70
CA LYS A 87 26.02 4.72 49.82
C LYS A 87 26.04 3.55 48.85
N GLY A 88 24.91 2.89 48.68
CA GLY A 88 24.85 1.75 47.77
C GLY A 88 25.95 0.74 48.13
N THR A 89 26.22 0.64 49.43
CA THR A 89 27.24 -0.27 49.83
C THR A 89 26.91 -0.99 51.09
N PHE A 90 27.31 -2.25 51.13
CA PHE A 90 27.07 -3.11 52.28
C PHE A 90 28.10 -4.24 52.25
N LYS A 91 28.27 -4.89 53.40
CA LYS A 91 29.21 -6.01 53.46
C LYS A 91 28.53 -7.27 53.94
N VAL A 92 28.81 -8.38 53.26
CA VAL A 92 28.26 -9.65 53.63
C VAL A 92 29.40 -10.61 53.92
N ASP A 93 29.42 -11.14 55.11
CA ASP A 93 30.45 -12.07 55.45
C ASP A 93 31.83 -11.57 55.11
N GLY A 94 32.12 -10.39 55.60
CA GLY A 94 33.43 -9.78 55.36
C GLY A 94 33.66 -9.22 53.98
N LYS A 95 32.75 -9.49 53.07
CA LYS A 95 32.96 -8.96 51.76
C LYS A 95 32.08 -7.76 51.50
N GLU A 96 32.68 -6.79 50.88
CA GLU A 96 32.01 -5.55 50.58
C GLU A 96 31.43 -5.54 49.19
N TYR A 97 30.16 -5.12 49.11
CA TYR A 97 29.43 -5.05 47.87
C TYR A 97 29.03 -3.61 47.56
N HIS A 98 28.94 -3.33 46.27
CA HIS A 98 28.60 -2.01 45.73
C HIS A 98 27.45 -2.09 44.75
N LEU A 99 26.46 -1.24 44.99
CA LEU A 99 25.26 -1.17 44.14
C LEU A 99 25.16 0.12 43.32
N ALA A 100 24.18 0.19 42.42
CA ALA A 100 24.00 1.41 41.61
C ALA A 100 23.47 2.54 42.45
N ILE A 101 23.96 3.75 42.18
CA ILE A 101 23.52 4.93 42.88
C ILE A 101 22.50 5.62 42.02
N ASN A 102 21.31 5.06 42.08
CA ASN A 102 20.20 5.53 41.31
C ASN A 102 19.49 6.62 42.06
N LYS A 103 20.06 6.96 43.22
CA LYS A 103 19.46 8.00 44.04
C LYS A 103 20.45 8.64 44.92
N GLU A 104 21.43 9.28 44.28
CA GLU A 104 22.51 9.98 44.97
C GLU A 104 22.04 10.39 46.34
N PRO A 105 22.87 10.11 47.34
CA PRO A 105 24.09 9.38 47.16
C PRO A 105 23.87 7.92 47.49
N ASN A 106 22.61 7.49 47.41
CA ASN A 106 22.28 6.12 47.74
C ASN A 106 21.70 5.31 46.59
N SER A 107 21.41 4.05 46.94
CA SER A 107 20.80 3.02 46.13
C SER A 107 19.39 2.79 46.67
N LEU A 108 18.43 2.76 45.76
CA LEU A 108 17.04 2.60 46.07
C LEU A 108 16.33 1.53 45.28
N HIS A 109 15.39 0.94 45.97
CA HIS A 109 14.53 -0.07 45.43
C HIS A 109 15.15 -1.03 44.44
N GLY A 110 16.28 -1.63 44.79
CA GLY A 110 16.88 -2.65 43.94
C GLY A 110 17.80 -2.26 42.79
N GLY A 111 18.08 -0.99 42.62
CA GLY A 111 19.02 -0.63 41.58
C GLY A 111 18.39 -0.01 40.37
N VAL A 112 19.12 -0.08 39.26
CA VAL A 112 18.65 0.49 38.02
C VAL A 112 17.50 -0.32 37.46
N ARG A 113 17.70 -1.63 37.39
CA ARG A 113 16.68 -2.54 36.91
C ARG A 113 16.28 -3.52 38.01
N GLY A 114 15.40 -3.06 38.91
CA GLY A 114 14.91 -3.85 40.05
C GLY A 114 13.75 -4.75 39.69
N PHE A 115 13.31 -5.51 40.66
CA PHE A 115 12.22 -6.45 40.44
C PHE A 115 10.98 -5.90 39.78
N ASP A 116 10.71 -4.61 39.96
CA ASP A 116 9.50 -4.04 39.37
C ASP A 116 9.62 -3.86 37.88
N LYS A 117 10.82 -4.02 37.39
CA LYS A 117 10.98 -3.85 35.97
C LYS A 117 11.56 -5.02 35.23
N VAL A 118 11.06 -6.18 35.55
CA VAL A 118 11.48 -7.36 34.86
C VAL A 118 10.27 -8.18 34.65
N LEU A 119 10.37 -9.06 33.70
CA LEU A 119 9.25 -9.88 33.42
C LEU A 119 9.27 -11.13 34.30
N TRP A 120 8.15 -11.42 34.97
CA TRP A 120 8.01 -12.58 35.83
C TRP A 120 7.28 -13.71 35.12
N THR A 121 7.48 -14.96 35.54
CA THR A 121 6.81 -16.10 34.93
C THR A 121 5.62 -16.48 35.75
N PRO A 122 4.45 -16.54 35.11
CA PRO A 122 3.19 -16.82 35.78
C PRO A 122 2.70 -18.22 35.75
N ARG A 123 2.07 -18.58 36.83
CA ARG A 123 1.48 -19.89 36.95
C ARG A 123 0.13 -19.66 37.55
N VAL A 124 -0.91 -20.05 36.84
CA VAL A 124 -2.22 -19.76 37.39
C VAL A 124 -2.62 -20.75 38.44
N LEU A 125 -3.17 -20.23 39.52
CA LEU A 125 -3.64 -21.04 40.62
C LEU A 125 -5.16 -21.06 40.67
N SER A 126 -5.71 -21.86 41.57
CA SER A 126 -7.17 -21.94 41.68
C SER A 126 -7.85 -20.63 42.01
N ASN A 127 -7.28 -19.89 42.94
CA ASN A 127 -7.90 -18.64 43.35
C ASN A 127 -6.91 -17.52 43.31
N GLY A 128 -6.05 -17.56 42.30
CA GLY A 128 -5.03 -16.57 42.13
C GLY A 128 -3.95 -17.01 41.14
N VAL A 129 -2.82 -16.28 41.23
CA VAL A 129 -1.65 -16.47 40.40
C VAL A 129 -0.36 -16.27 41.20
N GLN A 130 0.65 -16.95 40.73
CA GLN A 130 1.96 -16.97 41.31
C GLN A 130 2.99 -16.64 40.26
N PHE A 131 3.88 -15.72 40.63
CA PHE A 131 4.93 -15.27 39.74
C PHE A 131 6.23 -15.74 40.26
N SER A 132 7.08 -16.18 39.33
CA SER A 132 8.36 -16.69 39.72
C SER A 132 9.43 -16.16 38.81
N ARG A 133 10.60 -16.06 39.39
CA ARG A 133 11.69 -15.55 38.62
C ARG A 133 12.98 -15.89 39.31
N ILE A 134 14.05 -15.85 38.54
CA ILE A 134 15.35 -16.06 39.11
C ILE A 134 16.16 -14.83 38.86
N SER A 135 16.64 -14.22 39.96
CA SER A 135 17.52 -13.05 39.99
C SER A 135 18.91 -13.65 40.16
N PRO A 136 19.68 -13.71 39.11
CA PRO A 136 20.98 -14.34 39.14
C PRO A 136 22.07 -13.61 39.97
N ASP A 137 23.06 -14.39 40.41
CA ASP A 137 24.13 -13.84 41.17
C ASP A 137 24.68 -12.64 40.41
N GLY A 138 24.85 -11.54 41.13
CA GLY A 138 25.35 -10.32 40.55
C GLY A 138 24.23 -9.41 40.10
N GLU A 139 23.02 -9.93 39.99
CA GLU A 139 22.01 -9.00 39.58
C GLU A 139 22.05 -7.77 40.45
N GLU A 140 22.21 -6.65 39.77
CA GLU A 140 22.29 -5.34 40.37
C GLU A 140 23.35 -5.21 41.45
N GLY A 141 24.35 -6.05 41.40
CA GLY A 141 25.41 -5.92 42.38
C GLY A 141 25.24 -6.84 43.54
N TYR A 142 24.08 -7.49 43.60
CA TYR A 142 23.86 -8.39 44.69
C TYR A 142 24.44 -9.75 44.43
N PRO A 143 24.88 -10.32 45.52
CA PRO A 143 25.46 -11.64 45.54
C PRO A 143 24.39 -12.71 45.66
N GLY A 144 24.63 -13.81 44.94
CA GLY A 144 23.77 -14.95 44.99
C GLY A 144 22.61 -14.95 44.06
N GLU A 145 22.32 -16.18 43.62
CA GLU A 145 21.22 -16.45 42.77
C GLU A 145 20.09 -16.55 43.75
N LEU A 146 19.08 -15.75 43.48
CA LEU A 146 17.90 -15.67 44.28
C LEU A 146 16.71 -16.16 43.48
N LYS A 147 16.10 -17.21 44.00
CA LYS A 147 14.93 -17.73 43.38
C LYS A 147 13.77 -17.14 44.17
N VAL A 148 12.86 -16.45 43.45
CA VAL A 148 11.71 -15.78 44.05
C VAL A 148 10.36 -16.20 43.47
N TRP A 149 9.39 -16.27 44.39
CA TRP A 149 8.00 -16.57 44.13
C TRP A 149 7.10 -15.57 44.81
N VAL A 150 6.25 -14.90 44.02
CA VAL A 150 5.27 -13.94 44.48
C VAL A 150 3.94 -14.55 44.17
N THR A 151 3.19 -14.77 45.24
CA THR A 151 1.90 -15.41 45.17
C THR A 151 0.80 -14.50 45.68
N TYR A 152 -0.12 -14.15 44.75
CA TYR A 152 -1.28 -13.33 45.01
C TYR A 152 -2.52 -14.22 45.02
N THR A 153 -3.28 -14.18 46.13
CA THR A 153 -4.53 -14.93 46.24
C THR A 153 -5.64 -14.05 46.76
N LEU A 154 -6.85 -14.42 46.36
CA LEU A 154 -8.02 -13.65 46.69
C LEU A 154 -9.17 -14.48 47.19
N ASP A 155 -9.65 -14.06 48.36
CA ASP A 155 -10.77 -14.70 48.98
C ASP A 155 -11.68 -13.64 49.54
N GLY A 156 -12.73 -13.34 48.81
CA GLY A 156 -13.66 -12.37 49.30
C GLY A 156 -13.11 -11.00 49.10
N GLY A 157 -13.03 -10.24 50.17
CA GLY A 157 -12.48 -8.89 50.12
C GLY A 157 -11.05 -8.86 50.65
N GLU A 158 -10.46 -10.05 50.72
CA GLU A 158 -9.11 -10.28 51.19
C GLU A 158 -8.08 -10.71 50.14
N LEU A 159 -7.15 -9.79 49.88
CA LEU A 159 -6.11 -10.07 48.93
C LEU A 159 -4.84 -10.37 49.69
N ILE A 160 -4.33 -11.59 49.50
CA ILE A 160 -3.12 -12.02 50.16
C ILE A 160 -1.92 -12.11 49.22
N VAL A 161 -0.82 -11.50 49.68
CA VAL A 161 0.41 -11.55 48.93
C VAL A 161 1.45 -12.26 49.74
N ASN A 162 2.10 -13.25 49.14
CA ASN A 162 3.14 -13.90 49.87
C ASN A 162 4.41 -13.88 49.07
N TYR A 163 5.52 -13.73 49.78
CA TYR A 163 6.84 -13.72 49.21
C TYR A 163 7.71 -14.84 49.78
N ARG A 164 8.21 -15.70 48.87
CA ARG A 164 9.09 -16.81 49.14
C ARG A 164 10.39 -16.62 48.33
N ALA A 165 11.53 -16.90 48.95
CA ALA A 165 12.78 -16.78 48.24
C ALA A 165 13.81 -17.74 48.81
N GLN A 166 14.71 -18.15 47.91
CA GLN A 166 15.83 -19.00 48.25
C GLN A 166 17.05 -18.48 47.55
N ALA A 167 18.10 -18.25 48.35
CA ALA A 167 19.36 -17.73 47.89
C ALA A 167 20.39 -18.83 47.70
N SER A 168 21.31 -18.58 46.78
CA SER A 168 22.34 -19.53 46.54
C SER A 168 23.53 -19.16 47.40
N GLN A 169 23.52 -17.92 47.86
CA GLN A 169 24.61 -17.42 48.70
C GLN A 169 24.04 -16.37 49.61
N ALA A 170 24.63 -16.22 50.76
CA ALA A 170 24.14 -15.21 51.66
C ALA A 170 23.89 -13.88 50.96
N THR A 171 22.72 -13.30 51.19
CA THR A 171 22.38 -12.04 50.55
C THR A 171 21.22 -11.36 51.28
N PRO A 172 21.12 -10.04 51.18
CA PRO A 172 20.01 -9.41 51.83
C PRO A 172 18.79 -9.55 50.91
N VAL A 173 17.64 -9.53 51.54
CA VAL A 173 16.37 -9.65 50.87
C VAL A 173 15.32 -8.90 51.66
N ASN A 174 14.53 -8.13 50.90
CA ASN A 174 13.48 -7.35 51.51
C ASN A 174 12.54 -6.89 50.41
N LEU A 175 11.51 -7.71 50.21
CA LEU A 175 10.51 -7.51 49.17
C LEU A 175 9.22 -6.97 49.66
N THR A 176 8.63 -6.12 48.83
CA THR A 176 7.37 -5.53 49.19
C THR A 176 6.64 -5.10 47.95
N ASN A 177 5.51 -4.45 48.14
CA ASN A 177 4.66 -3.95 47.05
C ASN A 177 4.41 -2.44 47.22
N HIS A 178 4.62 -1.73 46.13
CA HIS A 178 4.52 -0.28 46.06
C HIS A 178 3.26 0.27 45.43
N SER A 179 2.14 -0.36 45.69
CA SER A 179 0.88 0.08 45.16
C SER A 179 0.50 1.39 45.83
N TYR A 180 -0.10 2.32 45.08
CA TYR A 180 -0.53 3.57 45.68
C TYR A 180 -2.03 3.50 45.79
N PHE A 181 -2.58 3.76 46.99
CA PHE A 181 -4.02 3.67 47.25
C PHE A 181 -4.76 4.98 47.46
N ASN A 182 -6.03 5.04 47.05
CA ASN A 182 -6.84 6.22 47.30
C ASN A 182 -8.21 5.70 47.47
N LEU A 183 -8.61 5.47 48.71
CA LEU A 183 -9.91 4.86 48.95
C LEU A 183 -11.05 5.63 48.37
N ALA A 184 -10.83 6.90 48.14
CA ALA A 184 -11.94 7.62 47.62
C ALA A 184 -12.00 7.45 46.14
N GLY A 185 -11.15 6.56 45.63
CA GLY A 185 -11.09 6.29 44.21
C GLY A 185 -9.84 6.86 43.56
N GLN A 186 -9.25 6.08 42.71
CA GLN A 186 -8.03 6.44 42.01
C GLN A 186 -7.98 7.90 41.48
N ALA A 187 -9.12 8.38 40.96
CA ALA A 187 -9.22 9.70 40.37
C ALA A 187 -9.38 10.83 41.33
N SER A 188 -9.39 10.56 42.64
CA SER A 188 -9.51 11.65 43.59
C SER A 188 -8.20 12.39 43.60
N PRO A 189 -8.24 13.66 43.93
CA PRO A 189 -7.05 14.45 43.90
C PRO A 189 -6.16 14.34 45.13
N ASN A 190 -6.74 13.82 46.22
CA ASN A 190 -5.97 13.68 47.43
C ASN A 190 -6.51 12.67 48.41
N ILE A 191 -5.72 12.59 49.45
CA ILE A 191 -5.85 11.67 50.53
C ILE A 191 -6.16 12.30 51.86
N ASN A 192 -6.33 13.60 51.85
CA ASN A 192 -6.59 14.36 53.07
C ASN A 192 -7.70 13.87 53.95
N ASP A 193 -8.78 13.43 53.34
CA ASP A 193 -9.92 12.96 54.08
C ASP A 193 -9.75 11.53 54.59
N HIS A 194 -8.62 10.89 54.34
CA HIS A 194 -8.44 9.52 54.81
C HIS A 194 -8.09 9.49 56.27
N GLU A 195 -8.62 8.50 56.94
CA GLU A 195 -8.34 8.39 58.33
C GLU A 195 -7.45 7.17 58.50
N VAL A 196 -6.32 7.41 59.17
CA VAL A 196 -5.29 6.41 59.33
C VAL A 196 -4.96 5.98 60.75
N THR A 197 -4.55 4.73 60.84
CA THR A 197 -4.12 4.09 62.07
C THR A 197 -2.99 3.12 61.82
N ILE A 198 -1.89 3.33 62.49
CA ILE A 198 -0.73 2.45 62.34
C ILE A 198 -0.33 1.95 63.70
N GLU A 199 -0.41 0.65 63.90
CA GLU A 199 -0.03 0.12 65.20
C GLU A 199 1.47 0.00 65.37
N ALA A 200 2.10 1.09 65.75
CA ALA A 200 3.55 1.11 65.97
C ALA A 200 3.90 2.05 67.11
N ASP A 201 4.78 1.66 68.01
CA ASP A 201 5.16 2.52 69.14
C ASP A 201 6.37 3.43 68.86
N THR A 202 7.15 2.95 67.89
CA THR A 202 8.37 3.56 67.43
C THR A 202 8.40 3.68 65.92
N TYR A 203 9.23 4.61 65.46
CA TYR A 203 9.45 4.93 64.06
C TYR A 203 10.93 5.21 63.85
N LEU A 204 11.36 5.23 62.59
CA LEU A 204 12.75 5.52 62.26
C LEU A 204 12.93 6.92 61.68
N PRO A 205 13.50 7.82 62.48
CA PRO A 205 13.75 9.18 62.01
C PRO A 205 14.86 9.07 60.99
N VAL A 206 14.83 9.88 59.96
CA VAL A 206 15.88 9.74 58.96
C VAL A 206 16.78 10.95 58.83
N ASP A 207 17.73 10.84 57.91
CA ASP A 207 18.66 11.92 57.70
C ASP A 207 18.38 12.64 56.43
N GLU A 208 19.24 13.60 56.18
CA GLU A 208 19.20 14.45 55.02
C GLU A 208 19.08 13.70 53.71
N THR A 209 19.52 12.42 53.74
CA THR A 209 19.49 11.58 52.54
C THR A 209 18.38 10.56 52.58
N LEU A 210 17.64 10.68 53.65
CA LEU A 210 16.54 9.83 53.89
C LEU A 210 16.95 8.45 54.28
N ILE A 211 17.98 8.42 55.10
CA ILE A 211 18.49 7.17 55.64
C ILE A 211 18.31 7.18 57.15
N PRO A 212 17.76 6.11 57.67
CA PRO A 212 17.51 6.09 59.09
C PRO A 212 18.74 6.53 59.88
N THR A 213 18.53 7.39 60.87
CA THR A 213 19.66 7.84 61.64
C THR A 213 20.21 6.72 62.44
N GLY A 214 19.37 5.73 62.66
CA GLY A 214 19.71 4.56 63.46
C GLY A 214 18.91 4.59 64.74
N GLU A 215 18.28 5.72 65.03
CA GLU A 215 17.52 5.84 66.25
C GLU A 215 16.15 5.22 66.15
N VAL A 216 15.74 4.46 67.16
CA VAL A 216 14.40 3.91 67.10
C VAL A 216 13.52 4.78 68.00
N ALA A 217 13.11 5.92 67.45
CA ALA A 217 12.33 6.90 68.17
C ALA A 217 10.88 6.54 68.46
N PRO A 218 10.50 6.71 69.72
CA PRO A 218 9.15 6.47 70.16
C PRO A 218 8.25 7.46 69.44
N VAL A 219 7.01 7.10 69.21
CA VAL A 219 6.14 8.02 68.52
C VAL A 219 5.39 8.93 69.46
N GLN A 220 5.29 8.56 70.72
CA GLN A 220 4.57 9.40 71.66
C GLN A 220 5.07 10.82 71.63
N GLY A 221 4.10 11.73 71.68
CA GLY A 221 4.36 13.16 71.69
C GLY A 221 4.65 13.75 70.33
N THR A 222 4.98 12.87 69.42
CA THR A 222 5.33 13.17 68.05
C THR A 222 4.19 13.17 67.03
N ALA A 223 4.45 13.69 65.82
CA ALA A 223 3.46 13.70 64.77
C ALA A 223 3.39 12.35 64.12
N PHE A 224 4.24 11.47 64.57
CA PHE A 224 4.38 10.12 64.11
C PHE A 224 3.52 9.16 64.85
N ASP A 225 2.81 9.67 65.84
CA ASP A 225 1.94 8.81 66.58
C ASP A 225 0.62 8.58 65.85
N LEU A 226 0.48 7.41 65.22
CA LEU A 226 -0.73 7.05 64.50
C LEU A 226 -1.42 5.84 65.14
N ARG A 227 -1.25 5.69 66.44
CA ARG A 227 -1.87 4.57 67.13
C ARG A 227 -3.36 4.74 67.23
N LYS A 228 -3.77 6.00 67.28
CA LYS A 228 -5.19 6.27 67.28
C LYS A 228 -5.55 6.86 65.93
N PRO A 229 -6.69 6.52 65.38
CA PRO A 229 -7.05 7.03 64.08
C PRO A 229 -7.03 8.54 64.02
N VAL A 230 -6.40 9.02 62.95
CA VAL A 230 -6.28 10.42 62.70
C VAL A 230 -6.62 10.71 61.28
N GLU A 231 -7.08 11.94 61.07
CA GLU A 231 -7.42 12.40 59.76
C GLU A 231 -6.16 12.97 59.15
N LEU A 232 -5.80 12.41 58.03
CA LEU A 232 -4.60 12.80 57.36
C LEU A 232 -4.27 14.28 57.31
N GLY A 233 -5.18 15.06 56.70
CA GLY A 233 -5.01 16.50 56.55
C GLY A 233 -4.81 17.21 57.89
N LYS A 234 -5.85 17.21 58.68
CA LYS A 234 -5.76 17.83 59.96
C LYS A 234 -4.40 17.55 60.52
N HIS A 235 -4.10 16.25 60.65
CA HIS A 235 -2.83 15.80 61.20
C HIS A 235 -1.65 16.47 60.59
N LEU A 236 -1.52 16.35 59.29
CA LEU A 236 -0.38 16.95 58.60
C LEU A 236 -0.27 18.44 58.83
N GLN A 237 -1.41 19.06 59.00
CA GLN A 237 -1.44 20.47 59.21
C GLN A 237 -1.17 20.75 60.65
N ASP A 238 -1.90 20.07 61.50
CA ASP A 238 -1.66 20.32 62.90
C ASP A 238 -0.19 20.22 63.20
N PHE A 239 0.48 19.28 62.54
CA PHE A 239 1.88 19.05 62.81
C PHE A 239 2.84 19.77 61.88
N HIS A 240 2.30 20.58 60.98
CA HIS A 240 3.15 21.30 60.07
C HIS A 240 4.04 20.33 59.33
N LEU A 241 3.38 19.31 58.80
CA LEU A 241 4.00 18.24 58.07
C LEU A 241 3.72 18.31 56.58
N ASN A 242 4.67 17.84 55.80
CA ASN A 242 4.55 17.85 54.38
C ASN A 242 3.98 16.55 53.83
N GLY A 243 4.05 15.50 54.63
CA GLY A 243 3.57 14.18 54.29
C GLY A 243 4.45 13.24 55.05
N PHE A 244 4.33 11.96 54.79
CA PHE A 244 5.20 10.99 55.44
C PHE A 244 5.92 10.15 54.42
N ASP A 245 7.03 9.62 54.90
CA ASP A 245 7.88 8.75 54.12
C ASP A 245 8.80 8.02 55.06
N HIS A 246 8.23 7.49 56.12
CA HIS A 246 8.99 6.79 57.11
C HIS A 246 8.53 5.36 57.36
N ASN A 247 9.44 4.64 57.97
CA ASN A 247 9.20 3.28 58.33
C ASN A 247 8.72 3.24 59.75
N PHE A 248 7.55 2.66 59.95
CA PHE A 248 7.00 2.47 61.26
C PHE A 248 7.33 1.06 61.71
N CYS A 249 7.75 0.99 62.96
CA CYS A 249 8.15 -0.23 63.62
C CYS A 249 7.00 -1.02 64.18
N LEU A 250 6.70 -2.11 63.48
CA LEU A 250 5.63 -2.98 63.89
C LEU A 250 6.13 -3.85 65.00
N LYS A 251 5.22 -4.11 65.89
CA LYS A 251 5.47 -4.92 67.07
C LYS A 251 5.30 -6.35 66.62
N GLY A 252 6.34 -6.84 65.96
CA GLY A 252 6.19 -8.17 65.45
C GLY A 252 7.10 -9.30 65.88
N SER A 253 6.44 -10.45 65.68
CA SER A 253 6.90 -11.78 65.81
C SER A 253 6.86 -12.06 64.34
N LYS A 254 6.89 -13.29 63.95
CA LYS A 254 6.82 -13.51 62.53
C LYS A 254 5.38 -13.86 62.28
N GLU A 255 4.70 -13.99 63.38
CA GLU A 255 3.31 -14.31 63.31
C GLU A 255 2.59 -13.16 62.61
N LYS A 256 1.44 -13.47 62.04
CA LYS A 256 0.65 -12.47 61.39
C LYS A 256 0.31 -11.44 62.45
N HIS A 257 0.39 -10.15 62.09
CA HIS A 257 0.09 -9.08 63.03
C HIS A 257 -0.55 -7.92 62.31
N PHE A 258 -1.30 -7.14 63.05
CA PHE A 258 -2.00 -6.00 62.51
C PHE A 258 -1.00 -4.97 62.07
N CYS A 259 -1.38 -4.20 61.10
CA CYS A 259 -0.38 -3.26 60.67
C CYS A 259 -0.97 -1.88 60.60
N ALA A 260 -2.04 -1.81 59.84
CA ALA A 260 -2.68 -0.52 59.68
C ALA A 260 -4.10 -0.64 59.18
N ARG A 261 -4.83 0.44 59.42
CA ARG A 261 -6.19 0.57 59.03
C ARG A 261 -6.36 1.93 58.43
N VAL A 262 -7.00 1.96 57.28
CA VAL A 262 -7.24 3.24 56.64
C VAL A 262 -8.69 3.31 56.41
N HIS A 263 -9.27 4.46 56.70
CA HIS A 263 -10.69 4.55 56.53
C HIS A 263 -11.14 5.79 55.81
N HIS A 264 -12.03 5.58 54.86
CA HIS A 264 -12.60 6.66 54.10
C HIS A 264 -14.11 6.71 54.39
N ALA A 265 -14.48 7.51 55.37
CA ALA A 265 -15.85 7.60 55.79
C ALA A 265 -16.89 8.02 54.74
N ALA A 266 -16.56 8.89 53.82
CA ALA A 266 -17.53 9.34 52.83
C ALA A 266 -18.02 8.24 51.93
N SER A 267 -17.15 7.27 51.71
CA SER A 267 -17.43 6.16 50.84
C SER A 267 -17.63 4.97 51.70
N GLY A 268 -17.06 5.06 52.89
CA GLY A 268 -17.19 3.96 53.84
C GLY A 268 -16.17 2.84 53.62
N ARG A 269 -15.21 3.04 52.74
CA ARG A 269 -14.25 1.99 52.57
C ARG A 269 -13.22 1.98 53.70
N VAL A 270 -12.81 0.77 53.99
CA VAL A 270 -11.84 0.43 55.01
C VAL A 270 -10.87 -0.59 54.46
N LEU A 271 -9.62 -0.27 54.65
CA LEU A 271 -8.54 -1.10 54.25
C LEU A 271 -7.83 -1.45 55.53
N GLU A 272 -7.61 -2.73 55.74
CA GLU A 272 -6.92 -3.18 56.94
C GLU A 272 -5.77 -3.99 56.49
N VAL A 273 -4.64 -3.80 57.15
CA VAL A 273 -3.45 -4.51 56.79
C VAL A 273 -2.82 -5.30 57.92
N TYR A 274 -2.47 -6.52 57.56
CA TYR A 274 -1.82 -7.49 58.42
C TYR A 274 -0.58 -7.98 57.75
N THR A 275 0.39 -8.32 58.56
CA THR A 275 1.62 -8.79 57.98
C THR A 275 2.52 -9.53 58.96
N THR A 276 3.49 -10.19 58.37
CA THR A 276 4.48 -10.93 59.09
C THR A 276 5.76 -10.09 59.14
N GLN A 277 5.76 -8.89 58.51
CA GLN A 277 6.94 -8.03 58.45
C GLN A 277 7.10 -7.18 59.66
N PRO A 278 8.38 -6.82 59.94
CA PRO A 278 8.81 -6.02 61.08
C PRO A 278 8.56 -4.53 60.98
N GLY A 279 8.22 -4.06 59.77
CA GLY A 279 7.95 -2.64 59.54
C GLY A 279 7.05 -2.39 58.34
N VAL A 280 6.66 -1.13 58.25
CA VAL A 280 5.82 -0.69 57.15
C VAL A 280 6.25 0.69 56.76
N GLN A 281 6.45 0.87 55.47
CA GLN A 281 6.80 2.19 55.00
C GLN A 281 5.52 2.87 54.65
N PHE A 282 5.28 3.94 55.32
CA PHE A 282 4.10 4.71 55.06
C PHE A 282 4.57 5.96 54.29
N TYR A 283 4.13 6.08 53.06
CA TYR A 283 4.50 7.19 52.21
C TYR A 283 3.29 7.84 51.59
N THR A 284 3.18 9.14 51.78
CA THR A 284 2.04 9.88 51.28
C THR A 284 2.12 10.43 49.88
N GLY A 285 2.87 9.81 48.99
CA GLY A 285 2.91 10.33 47.63
C GLY A 285 3.33 11.78 47.54
N ASN A 286 4.28 12.12 48.39
CA ASN A 286 4.80 13.47 48.43
C ASN A 286 5.43 13.97 47.12
N PHE A 287 6.12 13.08 46.44
CA PHE A 287 6.77 13.43 45.21
C PHE A 287 5.93 13.53 43.95
N LEU A 288 4.66 13.16 43.98
CA LEU A 288 3.87 13.27 42.77
C LEU A 288 3.67 14.72 42.44
N ASP A 289 3.93 15.01 41.20
CA ASP A 289 3.87 16.35 40.74
C ASP A 289 2.78 16.64 39.74
N GLY A 290 1.79 15.80 39.60
CA GLY A 290 0.69 16.02 38.67
C GLY A 290 1.06 15.94 37.19
N THR A 291 2.06 15.19 36.81
CA THR A 291 2.37 15.19 35.40
C THR A 291 2.20 13.84 34.74
N LEU A 292 1.66 12.90 35.50
CA LEU A 292 1.49 11.58 34.97
C LEU A 292 0.10 11.33 34.46
N LYS A 293 0.07 10.76 33.26
CA LYS A 293 -1.08 10.36 32.47
C LYS A 293 -1.69 9.05 33.01
N GLY A 294 -2.49 9.13 34.08
CA GLY A 294 -3.06 7.95 34.71
C GLY A 294 -4.22 7.27 33.97
N LYS A 295 -5.00 6.51 34.72
CA LYS A 295 -6.12 5.82 34.13
C LYS A 295 -7.29 6.79 34.10
N ASN A 296 -8.16 6.61 33.11
CA ASN A 296 -9.33 7.46 32.97
C ASN A 296 -9.04 8.94 33.06
N GLY A 297 -8.02 9.36 32.34
CA GLY A 297 -7.62 10.76 32.29
C GLY A 297 -7.04 11.28 33.57
N ALA A 298 -6.99 10.45 34.59
CA ALA A 298 -6.44 10.90 35.84
C ALA A 298 -4.98 11.32 35.67
N VAL A 299 -4.65 12.43 36.30
CA VAL A 299 -3.33 13.04 36.33
C VAL A 299 -2.94 12.89 37.79
N TYR A 300 -1.70 12.62 38.15
CA TYR A 300 -1.60 12.42 39.58
C TYR A 300 -0.84 13.49 40.30
N PRO A 301 -1.54 14.23 41.14
CA PRO A 301 -0.90 15.30 41.87
C PRO A 301 -0.43 14.85 43.23
N LYS A 302 0.49 15.59 43.73
CA LYS A 302 1.00 15.32 45.02
C LYS A 302 -0.11 14.90 45.95
N HIS A 303 0.20 13.97 46.86
CA HIS A 303 -0.78 13.58 47.86
C HIS A 303 -2.05 12.92 47.33
N SER A 304 -2.01 12.45 46.09
CA SER A 304 -3.17 11.82 45.53
C SER A 304 -3.28 10.33 45.89
N GLY A 305 -2.21 9.77 46.49
CA GLY A 305 -2.17 8.34 46.85
C GLY A 305 -1.15 8.03 47.95
N PHE A 306 -1.35 6.93 48.67
CA PHE A 306 -0.42 6.59 49.70
C PHE A 306 -0.02 5.17 49.50
N CYS A 307 1.11 4.82 50.11
CA CYS A 307 1.67 3.47 50.08
C CYS A 307 1.88 2.94 51.48
N LEU A 308 1.74 1.63 51.59
CA LEU A 308 1.97 0.89 52.82
C LEU A 308 2.85 -0.31 52.47
N GLU A 309 4.15 -0.04 52.33
CA GLU A 309 5.08 -1.09 51.98
C GLU A 309 5.56 -1.83 53.21
N THR A 310 4.99 -3.01 53.36
CA THR A 310 5.36 -3.80 54.49
C THR A 310 6.70 -4.37 54.13
N GLN A 311 7.64 -4.32 55.10
CA GLN A 311 8.98 -4.77 54.82
C GLN A 311 9.82 -4.83 56.04
N ASN A 312 11.09 -5.13 55.81
CA ASN A 312 12.07 -5.11 56.87
C ASN A 312 12.58 -3.66 56.85
N TRP A 313 13.12 -3.15 57.95
CA TRP A 313 13.61 -1.77 58.05
C TRP A 313 14.61 -1.33 56.99
N PRO A 314 14.53 -0.05 56.58
CA PRO A 314 15.46 0.43 55.58
C PRO A 314 16.89 0.47 56.08
N ASP A 315 17.81 0.19 55.15
CA ASP A 315 19.23 0.17 55.41
C ASP A 315 19.66 -0.84 56.48
N ALA A 316 18.76 -1.80 56.79
CA ALA A 316 19.00 -2.85 57.82
C ALA A 316 20.36 -3.53 57.69
N VAL A 317 20.74 -3.80 56.46
CA VAL A 317 22.00 -4.42 56.14
C VAL A 317 23.21 -3.71 56.78
N ASN A 318 23.06 -2.42 57.06
CA ASN A 318 24.15 -1.61 57.62
C ASN A 318 23.90 -1.11 59.03
N GLN A 319 22.79 -1.51 59.61
CA GLN A 319 22.43 -1.10 60.95
C GLN A 319 22.05 -2.33 61.76
N PRO A 320 23.08 -2.85 62.39
CA PRO A 320 23.03 -4.05 63.21
C PRO A 320 21.92 -4.09 64.23
N ARG A 321 21.50 -2.96 64.72
CA ARG A 321 20.41 -3.04 65.68
C ARG A 321 19.07 -3.33 64.99
N PHE A 322 19.07 -3.36 63.66
CA PHE A 322 17.87 -3.59 62.90
C PHE A 322 17.63 -5.05 62.72
N PRO A 323 16.38 -5.44 62.45
CA PRO A 323 16.10 -6.83 62.24
C PRO A 323 16.87 -7.34 61.07
N PRO A 324 17.33 -8.54 61.25
CA PRO A 324 18.15 -9.23 60.28
C PRO A 324 17.50 -9.24 58.90
N VAL A 325 18.29 -8.99 57.86
CA VAL A 325 17.83 -8.97 56.49
C VAL A 325 18.51 -9.96 55.60
N LEU A 326 19.47 -10.69 56.14
CA LEU A 326 20.22 -11.63 55.32
C LEU A 326 19.59 -12.99 55.18
N LEU A 327 19.60 -13.47 53.95
CA LEU A 327 19.07 -14.77 53.64
C LEU A 327 20.24 -15.65 53.29
N ARG A 328 20.41 -16.76 54.04
CA ARG A 328 21.52 -17.65 53.81
C ARG A 328 21.05 -18.89 53.12
N PRO A 329 21.95 -19.52 52.39
CA PRO A 329 21.50 -20.71 51.72
C PRO A 329 21.00 -21.68 52.78
N GLY A 330 20.03 -22.46 52.41
CA GLY A 330 19.51 -23.40 53.36
C GLY A 330 18.26 -22.89 54.03
N GLU A 331 18.21 -21.58 54.30
CA GLU A 331 17.00 -21.03 54.91
C GLU A 331 15.97 -20.68 53.85
N GLU A 332 14.85 -20.12 54.26
CA GLU A 332 13.84 -19.74 53.30
C GLU A 332 13.26 -18.40 53.65
N TYR A 333 13.12 -17.56 52.65
CA TYR A 333 12.53 -16.26 52.91
C TYR A 333 11.06 -16.41 52.68
N ASP A 334 10.27 -15.96 53.63
CA ASP A 334 8.86 -16.14 53.46
C ASP A 334 8.04 -15.20 54.32
N HIS A 335 7.42 -14.24 53.63
CA HIS A 335 6.61 -13.26 54.29
C HIS A 335 5.26 -13.10 53.65
N THR A 336 4.27 -12.73 54.45
CA THR A 336 2.93 -12.58 53.92
C THR A 336 2.37 -11.27 54.36
N THR A 337 1.51 -10.76 53.51
CA THR A 337 0.80 -9.53 53.74
C THR A 337 -0.64 -9.71 53.28
N TRP A 338 -1.54 -9.32 54.14
CA TRP A 338 -2.96 -9.39 53.94
C TRP A 338 -3.56 -8.02 53.73
N PHE A 339 -4.26 -7.83 52.62
CA PHE A 339 -4.93 -6.59 52.29
C PHE A 339 -6.42 -6.85 52.35
N LYS A 340 -7.00 -6.62 53.52
CA LYS A 340 -8.39 -6.85 53.77
C LYS A 340 -9.24 -5.62 53.56
N PHE A 341 -10.15 -5.72 52.56
CA PHE A 341 -11.08 -4.63 52.22
C PHE A 341 -12.47 -4.79 52.86
N SER A 342 -12.99 -3.71 53.42
CA SER A 342 -14.30 -3.79 54.04
C SER A 342 -15.05 -2.49 53.87
N VAL A 343 -16.21 -2.42 54.51
CA VAL A 343 -17.08 -1.27 54.48
C VAL A 343 -17.50 -0.86 55.88
N ALA A 344 -17.17 0.37 56.27
CA ALA A 344 -17.55 0.82 57.61
C ALA A 344 -18.45 2.05 57.58
N MET B 3 12.93 19.29 -39.72
CA MET B 3 12.01 18.68 -40.65
C MET B 3 12.63 17.70 -41.63
N ALA B 4 11.85 17.34 -42.65
CA ALA B 4 12.22 16.38 -43.65
C ALA B 4 13.46 16.64 -44.49
N SER B 5 14.18 15.56 -44.68
CA SER B 5 15.35 15.49 -45.53
C SER B 5 14.87 14.49 -46.57
N VAL B 6 15.32 14.54 -47.81
CA VAL B 6 14.80 13.59 -48.78
C VAL B 6 15.93 13.03 -49.63
N THR B 7 16.16 11.74 -49.52
CA THR B 7 17.19 11.12 -50.30
C THR B 7 16.62 10.25 -51.38
N ARG B 8 17.40 10.05 -52.42
CA ARG B 8 16.88 9.20 -53.46
C ARG B 8 17.93 8.29 -54.02
N ALA B 9 17.53 7.08 -54.34
CA ALA B 9 18.44 6.10 -54.90
C ALA B 9 17.71 5.09 -55.74
N VAL B 10 18.51 4.31 -56.47
CA VAL B 10 18.02 3.26 -57.33
C VAL B 10 17.62 1.99 -56.55
N PHE B 11 16.38 1.57 -56.74
CA PHE B 11 15.90 0.41 -56.06
C PHE B 11 15.94 -0.79 -56.98
N GLY B 12 15.78 -0.61 -58.27
CA GLY B 12 15.82 -1.77 -59.10
C GLY B 12 15.40 -1.45 -60.51
N GLU B 13 15.28 -2.49 -61.30
CA GLU B 13 14.90 -2.25 -62.68
C GLU B 13 13.83 -3.19 -63.12
N LEU B 14 12.94 -2.68 -63.92
CA LEU B 14 11.91 -3.55 -64.38
C LEU B 14 12.42 -4.34 -65.55
N PRO B 15 11.94 -5.55 -65.56
CA PRO B 15 12.28 -6.48 -66.60
C PRO B 15 11.68 -5.99 -67.87
N SER B 16 12.24 -6.48 -68.96
CA SER B 16 11.78 -6.12 -70.27
C SER B 16 11.85 -4.62 -70.47
N GLY B 17 12.94 -4.06 -69.96
CA GLY B 17 13.21 -2.63 -70.04
C GLY B 17 12.09 -1.80 -69.46
N GLY B 18 11.34 -2.42 -68.58
CA GLY B 18 10.21 -1.77 -67.93
C GLY B 18 10.62 -0.39 -67.46
N GLY B 19 11.79 -0.30 -66.87
CA GLY B 19 12.29 0.98 -66.40
C GLY B 19 13.02 0.90 -65.08
N THR B 20 13.39 2.06 -64.58
CA THR B 20 14.08 2.04 -63.31
C THR B 20 13.24 2.43 -62.10
N VAL B 21 13.31 1.64 -61.05
CA VAL B 21 12.54 2.03 -59.92
C VAL B 21 13.45 2.72 -58.94
N GLU B 22 13.00 3.86 -58.44
CA GLU B 22 13.76 4.64 -57.50
C GLU B 22 13.14 4.63 -56.15
N LYS B 23 13.96 4.87 -55.15
CA LYS B 23 13.53 4.89 -53.79
C LYS B 23 13.82 6.24 -53.18
N PHE B 24 12.83 6.79 -52.50
CA PHE B 24 12.94 8.08 -51.87
C PHE B 24 12.76 7.86 -50.40
N GLN B 25 13.72 8.35 -49.65
CA GLN B 25 13.64 8.17 -48.22
C GLN B 25 13.33 9.46 -47.54
N LEU B 26 12.20 9.49 -46.85
CA LEU B 26 11.82 10.69 -46.14
C LEU B 26 12.14 10.52 -44.67
N GLN B 27 12.88 11.49 -44.13
CA GLN B 27 13.30 11.40 -42.74
C GLN B 27 13.13 12.69 -42.00
N SER B 28 12.60 12.53 -40.80
CA SER B 28 12.36 13.58 -39.83
C SER B 28 12.96 13.06 -38.53
N ASP B 29 12.86 13.86 -37.47
CA ASP B 29 13.41 13.42 -36.20
C ASP B 29 12.56 12.31 -35.64
N LEU B 30 11.35 12.25 -36.17
CA LEU B 30 10.46 11.23 -35.72
C LEU B 30 10.26 10.06 -36.67
N LEU B 31 10.29 10.28 -37.99
CA LEU B 31 10.05 9.17 -38.87
C LEU B 31 11.03 9.06 -40.00
N ARG B 32 11.04 7.88 -40.57
CA ARG B 32 11.82 7.56 -41.72
C ARG B 32 10.94 6.70 -42.61
N VAL B 33 10.50 7.26 -43.72
CA VAL B 33 9.64 6.53 -44.63
C VAL B 33 10.32 6.26 -45.95
N ASP B 34 10.09 5.09 -46.49
CA ASP B 34 10.66 4.81 -47.77
C ASP B 34 9.54 4.66 -48.76
N ILE B 35 9.74 5.25 -49.93
CA ILE B 35 8.71 5.18 -50.95
C ILE B 35 9.31 4.95 -52.31
N ILE B 36 8.74 4.02 -53.07
CA ILE B 36 9.26 3.76 -54.40
C ILE B 36 8.39 4.26 -55.56
N SER B 37 9.03 4.50 -56.69
CA SER B 37 8.36 4.98 -57.88
C SER B 37 7.43 3.95 -58.54
N TRP B 38 7.42 2.75 -58.02
CA TRP B 38 6.56 1.76 -58.62
C TRP B 38 5.33 1.59 -57.75
N GLY B 39 4.17 2.01 -58.24
CA GLY B 39 2.93 1.95 -57.49
C GLY B 39 2.89 2.94 -56.30
N CYS B 40 3.81 3.93 -56.29
CA CYS B 40 3.96 4.92 -55.21
C CYS B 40 3.95 4.18 -53.89
N THR B 41 4.67 3.05 -53.86
CA THR B 41 4.71 2.16 -52.72
C THR B 41 5.59 2.55 -51.53
N ILE B 42 4.95 2.52 -50.36
CA ILE B 42 5.59 2.79 -49.09
C ILE B 42 6.19 1.48 -48.74
N THR B 43 7.48 1.43 -48.77
CA THR B 43 8.18 0.19 -48.57
C THR B 43 8.63 -0.11 -47.16
N ALA B 44 8.89 0.95 -46.40
CA ALA B 44 9.34 0.86 -45.02
C ALA B 44 8.81 2.08 -44.30
N LEU B 45 8.48 1.94 -43.00
CA LEU B 45 7.97 3.05 -42.20
C LEU B 45 8.36 2.82 -40.75
N GLU B 46 9.43 3.48 -40.38
CA GLU B 46 10.04 3.38 -39.08
C GLU B 46 9.55 4.34 -38.02
N VAL B 47 9.05 3.78 -36.92
CA VAL B 47 8.49 4.52 -35.79
C VAL B 47 9.04 4.05 -34.41
N LYS B 48 9.21 5.02 -33.50
CA LYS B 48 9.76 4.81 -32.17
C LYS B 48 8.82 4.45 -31.07
N ASP B 49 9.25 3.47 -30.24
CA ASP B 49 8.45 3.11 -29.09
C ASP B 49 8.75 4.17 -28.03
N ARG B 50 8.52 3.93 -26.74
CA ARG B 50 8.87 4.98 -25.78
C ARG B 50 10.32 4.89 -25.36
N GLN B 51 10.93 3.78 -25.69
CA GLN B 51 12.33 3.64 -25.39
C GLN B 51 13.11 4.19 -26.56
N GLY B 52 12.40 4.91 -27.45
CA GLY B 52 13.02 5.46 -28.64
C GLY B 52 13.51 4.39 -29.62
N ARG B 53 13.03 3.15 -29.47
CA ARG B 53 13.44 2.12 -30.40
C ARG B 53 12.60 2.34 -31.66
N ALA B 54 13.30 2.42 -32.78
CA ALA B 54 12.65 2.59 -34.04
C ALA B 54 12.42 1.20 -34.58
N SER B 55 11.22 1.02 -35.10
CA SER B 55 10.83 -0.24 -35.63
C SER B 55 10.19 -0.01 -36.97
N ASP B 56 10.36 -0.97 -37.90
CA ASP B 56 9.73 -0.87 -39.20
C ASP B 56 8.33 -1.45 -39.03
N VAL B 57 7.39 -0.55 -39.10
CA VAL B 57 6.01 -0.82 -38.82
C VAL B 57 5.06 -1.24 -39.95
N VAL B 58 5.56 -1.32 -41.19
CA VAL B 58 4.71 -1.73 -42.30
C VAL B 58 5.23 -2.98 -42.98
N LEU B 59 4.34 -3.85 -43.41
CA LEU B 59 4.71 -5.09 -44.11
C LEU B 59 5.21 -4.80 -45.54
N GLY B 60 6.18 -5.57 -46.02
CA GLY B 60 6.69 -5.34 -47.36
C GLY B 60 7.84 -6.24 -47.79
N PHE B 61 8.50 -5.85 -48.87
CA PHE B 61 9.60 -6.59 -49.47
C PHE B 61 10.91 -5.81 -49.49
N ALA B 62 12.00 -6.55 -49.30
CA ALA B 62 13.34 -5.97 -49.30
C ALA B 62 13.78 -5.56 -50.71
N GLU B 63 13.20 -6.25 -51.69
CA GLU B 63 13.50 -6.01 -53.07
C GLU B 63 12.31 -5.84 -54.00
N LEU B 64 12.61 -5.22 -55.12
CA LEU B 64 11.65 -4.93 -56.17
C LEU B 64 10.94 -6.17 -56.65
N GLU B 65 11.71 -7.19 -56.91
CA GLU B 65 11.17 -8.45 -57.37
C GLU B 65 10.07 -8.98 -56.43
N GLY B 66 10.19 -8.64 -55.15
CA GLY B 66 9.24 -9.04 -54.13
C GLY B 66 7.88 -8.44 -54.45
N TYR B 67 7.94 -7.19 -54.81
CA TYR B 67 6.75 -6.47 -55.18
C TYR B 67 6.17 -6.98 -56.47
N LEU B 68 7.03 -7.55 -57.32
CA LEU B 68 6.55 -8.05 -58.61
C LEU B 68 5.93 -9.40 -58.54
N GLN B 69 6.24 -10.14 -57.49
CA GLN B 69 5.63 -11.46 -57.36
C GLN B 69 4.14 -11.27 -57.14
N LYS B 70 3.45 -12.35 -56.86
CA LYS B 70 2.05 -12.20 -56.63
C LYS B 70 1.88 -11.95 -55.16
N GLN B 71 1.69 -10.69 -54.83
CA GLN B 71 1.54 -10.30 -53.47
C GLN B 71 0.28 -9.49 -53.39
N PRO B 72 -0.29 -9.38 -52.21
CA PRO B 72 -1.54 -8.66 -52.03
C PRO B 72 -1.50 -7.16 -51.85
N TYR B 73 -1.04 -6.43 -52.85
CA TYR B 73 -1.02 -4.95 -52.80
C TYR B 73 -0.27 -4.28 -51.67
N PHE B 74 0.75 -4.91 -51.13
CA PHE B 74 1.47 -4.24 -50.07
C PHE B 74 1.92 -2.80 -50.33
N GLY B 75 1.52 -1.92 -49.40
CA GLY B 75 1.86 -0.48 -49.35
C GLY B 75 1.62 0.39 -50.57
N ALA B 76 0.98 -0.15 -51.61
CA ALA B 76 0.76 0.64 -52.80
C ALA B 76 -0.51 1.51 -52.83
N VAL B 77 -0.43 2.42 -53.79
CA VAL B 77 -1.49 3.32 -54.14
C VAL B 77 -2.41 2.49 -55.01
N ILE B 78 -3.71 2.58 -54.76
CA ILE B 78 -4.71 1.82 -55.46
C ILE B 78 -5.55 2.75 -56.32
N GLY B 79 -5.83 2.32 -57.57
CA GLY B 79 -6.63 3.10 -58.49
C GLY B 79 -6.84 2.30 -59.74
N ARG B 80 -7.70 2.74 -60.68
CA ARG B 80 -8.47 4.01 -60.69
C ARG B 80 -9.50 4.11 -59.61
N VAL B 81 -10.12 2.99 -59.36
CA VAL B 81 -11.15 2.85 -58.35
C VAL B 81 -10.81 1.72 -57.39
N ALA B 82 -10.52 2.11 -56.16
CA ALA B 82 -10.21 1.18 -55.10
C ALA B 82 -11.40 0.27 -54.80
N ASN B 83 -11.12 -0.87 -54.22
CA ASN B 83 -12.18 -1.80 -53.84
C ASN B 83 -12.96 -2.45 -54.98
N ARG B 84 -14.12 -3.02 -54.68
CA ARG B 84 -14.90 -3.74 -55.68
C ARG B 84 -15.99 -3.00 -56.44
N ILE B 85 -16.13 -3.41 -57.66
CA ILE B 85 -17.18 -2.89 -58.48
C ILE B 85 -18.00 -4.09 -58.91
N ALA B 86 -19.26 -4.10 -58.47
CA ALA B 86 -20.17 -5.19 -58.78
C ALA B 86 -20.14 -5.56 -60.26
N LYS B 87 -19.84 -6.83 -60.53
CA LYS B 87 -19.81 -7.38 -61.87
C LYS B 87 -18.92 -6.65 -62.85
N GLY B 88 -17.91 -5.96 -62.35
CA GLY B 88 -17.01 -5.22 -63.22
C GLY B 88 -17.79 -4.39 -64.25
N THR B 89 -18.96 -3.92 -63.82
CA THR B 89 -19.80 -3.15 -64.70
C THR B 89 -20.39 -1.87 -64.05
N PHE B 90 -20.35 -0.78 -64.80
CA PHE B 90 -20.90 0.48 -64.34
C PHE B 90 -21.31 1.33 -65.53
N LYS B 91 -22.15 2.32 -65.31
CA LYS B 91 -22.55 3.18 -66.40
C LYS B 91 -22.35 4.64 -66.06
N VAL B 92 -21.91 5.36 -67.08
CA VAL B 92 -21.69 6.76 -66.91
C VAL B 92 -22.38 7.54 -67.99
N ASP B 93 -23.17 8.51 -67.53
CA ASP B 93 -23.90 9.38 -68.43
C ASP B 93 -24.53 8.57 -69.55
N GLY B 94 -25.17 7.46 -69.12
CA GLY B 94 -25.92 6.48 -69.91
C GLY B 94 -25.09 5.42 -70.60
N LYS B 95 -23.79 5.60 -70.67
CA LYS B 95 -22.98 4.61 -71.29
C LYS B 95 -22.59 3.54 -70.31
N GLU B 96 -22.51 2.30 -70.79
CA GLU B 96 -22.17 1.16 -69.96
C GLU B 96 -20.73 0.79 -70.16
N TYR B 97 -20.04 0.54 -69.05
CA TYR B 97 -18.64 0.24 -69.13
C TYR B 97 -18.36 -1.10 -68.50
N HIS B 98 -17.38 -1.83 -69.03
CA HIS B 98 -17.06 -3.17 -68.52
C HIS B 98 -15.64 -3.30 -68.10
N LEU B 99 -15.42 -3.75 -66.86
CA LEU B 99 -14.07 -3.94 -66.37
C LEU B 99 -13.64 -5.36 -66.40
N ALA B 100 -12.37 -5.56 -66.16
CA ALA B 100 -11.88 -6.92 -66.12
C ALA B 100 -12.28 -7.56 -64.80
N ILE B 101 -12.70 -8.80 -64.88
CA ILE B 101 -13.11 -9.51 -63.70
C ILE B 101 -11.90 -10.22 -63.14
N ASN B 102 -11.17 -9.49 -62.33
CA ASN B 102 -9.96 -10.02 -61.73
C ASN B 102 -10.32 -10.64 -60.41
N LYS B 103 -11.58 -10.58 -60.09
CA LYS B 103 -11.97 -11.16 -58.82
C LYS B 103 -13.42 -11.66 -58.93
N GLU B 104 -13.63 -12.80 -59.63
CA GLU B 104 -14.98 -13.33 -59.85
C GLU B 104 -15.87 -13.22 -58.63
N PRO B 105 -17.05 -12.67 -58.82
CA PRO B 105 -17.51 -12.19 -60.11
C PRO B 105 -17.41 -10.67 -60.27
N ASN B 106 -16.50 -10.03 -59.53
CA ASN B 106 -16.36 -8.59 -59.65
C ASN B 106 -15.02 -8.14 -60.12
N SER B 107 -14.90 -6.81 -60.13
CA SER B 107 -13.69 -6.13 -60.47
C SER B 107 -13.15 -5.52 -59.18
N LEU B 108 -11.86 -5.74 -58.94
CA LEU B 108 -11.24 -5.24 -57.73
C LEU B 108 -9.99 -4.41 -57.93
N HIS B 109 -9.89 -3.37 -57.11
CA HIS B 109 -8.75 -2.46 -57.09
C HIS B 109 -8.19 -1.99 -58.44
N GLY B 110 -9.02 -1.59 -59.39
CA GLY B 110 -8.47 -1.04 -60.63
C GLY B 110 -8.18 -1.94 -61.79
N GLY B 111 -8.41 -3.24 -61.60
CA GLY B 111 -8.23 -4.21 -62.66
C GLY B 111 -6.97 -5.04 -62.56
N VAL B 112 -6.57 -5.55 -63.73
CA VAL B 112 -5.41 -6.39 -63.84
C VAL B 112 -4.10 -5.66 -63.53
N ARG B 113 -3.95 -4.53 -64.18
CA ARG B 113 -2.80 -3.69 -63.98
C ARG B 113 -3.23 -2.31 -63.45
N GLY B 114 -3.66 -2.26 -62.20
CA GLY B 114 -4.08 -1.01 -61.61
C GLY B 114 -2.90 -0.07 -61.36
N PHE B 115 -3.16 0.98 -60.58
CA PHE B 115 -2.15 1.94 -60.29
C PHE B 115 -1.00 1.47 -59.46
N ASP B 116 -1.19 0.36 -58.79
CA ASP B 116 -0.15 -0.16 -57.90
C ASP B 116 0.92 -0.87 -58.70
N LYS B 117 0.62 -1.11 -59.96
CA LYS B 117 1.61 -1.82 -60.73
C LYS B 117 2.01 -1.13 -61.99
N VAL B 118 2.25 0.14 -61.81
CA VAL B 118 2.69 0.93 -62.91
C VAL B 118 3.72 1.83 -62.37
N LEU B 119 4.63 2.21 -63.22
CA LEU B 119 5.70 3.07 -62.82
C LEU B 119 5.28 4.54 -62.91
N TRP B 120 5.45 5.30 -61.82
CA TRP B 120 5.07 6.71 -61.71
C TRP B 120 6.24 7.66 -61.88
N THR B 121 5.97 8.92 -62.17
CA THR B 121 7.09 9.84 -62.28
C THR B 121 7.30 10.65 -60.99
N PRO B 122 8.51 10.67 -60.42
CA PRO B 122 8.69 11.43 -59.18
C PRO B 122 9.22 12.81 -59.40
N ARG B 123 9.05 13.60 -58.36
CA ARG B 123 9.54 14.97 -58.28
C ARG B 123 9.84 15.21 -56.83
N VAL B 124 11.09 15.44 -56.55
CA VAL B 124 11.45 15.64 -55.18
C VAL B 124 10.96 16.98 -54.73
N LEU B 125 10.39 17.01 -53.55
CA LEU B 125 9.91 18.28 -53.02
C LEU B 125 10.75 18.61 -51.83
N SER B 126 10.50 19.80 -51.34
CA SER B 126 11.27 20.20 -50.20
C SER B 126 11.09 19.26 -49.04
N ASN B 127 9.87 18.82 -48.83
CA ASN B 127 9.63 17.94 -47.72
C ASN B 127 8.93 16.65 -48.08
N GLY B 128 9.15 16.19 -49.29
CA GLY B 128 8.53 14.98 -49.73
C GLY B 128 8.84 14.70 -51.19
N VAL B 129 7.96 13.92 -51.80
CA VAL B 129 8.13 13.60 -53.18
C VAL B 129 6.74 13.52 -53.77
N GLN B 130 6.63 13.86 -55.04
CA GLN B 130 5.33 13.83 -55.65
C GLN B 130 5.33 12.95 -56.86
N PHE B 131 4.37 12.06 -56.91
CA PHE B 131 4.31 11.13 -58.01
C PHE B 131 3.25 11.47 -59.01
N SER B 132 3.61 11.43 -60.27
CA SER B 132 2.61 11.77 -61.23
C SER B 132 2.59 10.76 -62.31
N ARG B 133 1.47 10.73 -62.96
CA ARG B 133 1.33 9.81 -64.03
C ARG B 133 0.03 10.05 -64.75
N ILE B 134 -0.06 9.55 -65.96
CA ILE B 134 -1.26 9.70 -66.73
C ILE B 134 -1.83 8.35 -67.06
N SER B 135 -3.12 8.18 -66.72
CA SER B 135 -3.92 6.97 -66.99
C SER B 135 -4.77 7.25 -68.19
N PRO B 136 -4.35 6.66 -69.28
CA PRO B 136 -5.01 6.90 -70.52
C PRO B 136 -6.44 6.45 -70.60
N ASP B 137 -7.10 7.03 -71.56
CA ASP B 137 -8.49 6.72 -71.83
C ASP B 137 -8.60 5.22 -72.07
N GLY B 138 -9.58 4.56 -71.50
CA GLY B 138 -9.70 3.12 -71.72
C GLY B 138 -8.78 2.29 -70.83
N GLU B 139 -7.87 2.97 -70.15
CA GLU B 139 -7.01 2.21 -69.27
C GLU B 139 -7.90 1.43 -68.31
N GLU B 140 -7.74 0.10 -68.37
CA GLU B 140 -8.48 -0.86 -67.56
C GLU B 140 -10.00 -0.84 -67.84
N GLY B 141 -10.39 -0.16 -68.91
CA GLY B 141 -11.79 -0.12 -69.21
C GLY B 141 -12.45 1.16 -68.80
N TYR B 142 -11.71 1.98 -68.11
CA TYR B 142 -12.29 3.22 -67.70
C TYR B 142 -12.17 4.30 -68.75
N PRO B 143 -13.23 5.05 -68.88
CA PRO B 143 -13.28 6.15 -69.82
C PRO B 143 -12.54 7.37 -69.31
N GLY B 144 -11.95 8.11 -70.24
CA GLY B 144 -11.28 9.33 -69.92
C GLY B 144 -9.85 9.13 -69.54
N GLU B 145 -9.11 10.17 -69.87
CA GLU B 145 -7.70 10.28 -69.57
C GLU B 145 -7.66 10.96 -68.22
N LEU B 146 -6.91 10.37 -67.31
CA LEU B 146 -6.81 10.90 -65.98
C LEU B 146 -5.39 11.21 -65.62
N LYS B 147 -5.21 12.43 -65.11
CA LYS B 147 -3.95 12.96 -64.66
C LYS B 147 -3.97 12.85 -63.17
N VAL B 148 -2.99 12.13 -62.60
CA VAL B 148 -2.96 11.93 -61.20
C VAL B 148 -1.67 12.34 -60.53
N TRP B 149 -1.86 12.83 -59.30
CA TRP B 149 -0.77 13.25 -58.46
C TRP B 149 -0.87 12.66 -57.06
N VAL B 150 0.17 11.98 -56.68
CA VAL B 150 0.25 11.42 -55.35
C VAL B 150 1.38 12.09 -54.66
N THR B 151 1.05 12.90 -53.66
CA THR B 151 2.05 13.62 -52.91
C THR B 151 2.17 13.12 -51.50
N TYR B 152 3.40 12.80 -51.14
CA TYR B 152 3.76 12.33 -49.84
C TYR B 152 4.66 13.36 -49.18
N THR B 153 4.21 13.86 -48.05
CA THR B 153 5.00 14.82 -47.32
C THR B 153 5.12 14.41 -45.87
N LEU B 154 6.12 14.90 -45.23
CA LEU B 154 6.30 14.50 -43.86
C LEU B 154 6.59 15.68 -42.98
N ASP B 155 5.88 15.75 -41.88
CA ASP B 155 6.07 16.82 -40.94
C ASP B 155 6.07 16.29 -39.52
N GLY B 156 7.29 15.94 -39.05
CA GLY B 156 7.50 15.38 -37.72
C GLY B 156 7.23 13.87 -37.74
N GLY B 157 6.15 13.49 -37.08
CA GLY B 157 5.72 12.10 -36.99
C GLY B 157 4.37 11.94 -37.69
N GLU B 158 4.10 12.87 -38.60
CA GLU B 158 2.90 12.93 -39.41
C GLU B 158 3.23 12.80 -40.89
N LEU B 159 2.72 11.72 -41.51
CA LEU B 159 2.90 11.47 -42.93
C LEU B 159 1.64 11.98 -43.62
N ILE B 160 1.83 12.75 -44.67
CA ILE B 160 0.69 13.30 -45.35
C ILE B 160 0.67 12.88 -46.80
N VAL B 161 -0.48 12.33 -47.14
CA VAL B 161 -0.72 11.87 -48.50
C VAL B 161 -1.85 12.65 -49.11
N ASN B 162 -1.57 13.20 -50.25
CA ASN B 162 -2.58 13.92 -50.96
C ASN B 162 -2.76 13.27 -52.31
N TYR B 163 -4.02 13.18 -52.76
CA TYR B 163 -4.39 12.64 -54.06
C TYR B 163 -5.21 13.64 -54.82
N ARG B 164 -4.72 14.00 -55.99
CA ARG B 164 -5.35 14.95 -56.88
C ARG B 164 -5.39 14.32 -58.26
N ALA B 165 -6.42 14.69 -59.02
CA ALA B 165 -6.59 14.19 -60.38
C ALA B 165 -7.54 15.08 -61.15
N GLN B 166 -7.33 15.04 -62.46
CA GLN B 166 -8.08 15.76 -63.47
C GLN B 166 -8.42 14.80 -64.62
N ALA B 167 -9.70 14.71 -64.99
CA ALA B 167 -10.17 13.80 -66.02
C ALA B 167 -10.52 14.51 -67.31
N SER B 168 -10.35 13.76 -68.40
CA SER B 168 -10.67 14.26 -69.71
C SER B 168 -12.14 14.02 -69.95
N GLN B 169 -12.69 13.06 -69.21
CA GLN B 169 -14.10 12.76 -69.32
C GLN B 169 -14.59 12.19 -68.04
N ALA B 170 -15.87 12.33 -67.82
CA ALA B 170 -16.48 11.82 -66.61
C ALA B 170 -16.03 10.39 -66.32
N THR B 171 -15.54 10.21 -65.10
CA THR B 171 -15.06 8.92 -64.69
C THR B 171 -15.02 8.85 -63.18
N PRO B 172 -15.22 7.64 -62.69
CA PRO B 172 -15.17 7.39 -61.27
C PRO B 172 -13.72 7.35 -60.82
N VAL B 173 -13.45 7.92 -59.66
CA VAL B 173 -12.11 7.95 -59.11
C VAL B 173 -12.23 7.73 -57.63
N ASN B 174 -11.40 6.83 -57.14
CA ASN B 174 -11.38 6.49 -55.73
C ASN B 174 -10.03 5.92 -55.45
N LEU B 175 -9.13 6.77 -54.94
CA LEU B 175 -7.72 6.47 -54.65
C LEU B 175 -7.40 6.29 -53.19
N THR B 176 -6.58 5.27 -52.87
CA THR B 176 -6.22 5.07 -51.48
C THR B 176 -4.87 4.38 -51.41
N ASN B 177 -4.43 4.13 -50.20
CA ASN B 177 -3.17 3.46 -49.94
C ASN B 177 -3.42 2.19 -49.12
N HIS B 178 -2.91 1.09 -49.67
CA HIS B 178 -3.07 -0.24 -49.09
C HIS B 178 -1.93 -0.72 -48.19
N SER B 179 -1.34 0.19 -47.45
CA SER B 179 -0.27 -0.21 -46.56
C SER B 179 -0.85 -1.07 -45.45
N TYR B 180 -0.15 -2.15 -45.11
CA TYR B 180 -0.52 -3.03 -44.02
C TYR B 180 0.37 -2.68 -42.83
N PHE B 181 -0.25 -2.36 -41.72
CA PHE B 181 0.51 -1.99 -40.55
C PHE B 181 0.54 -3.04 -39.45
N ASN B 182 1.54 -2.88 -38.57
CA ASN B 182 1.75 -3.67 -37.36
C ASN B 182 2.52 -2.85 -36.34
N LEU B 183 1.79 -2.17 -35.49
CA LEU B 183 2.36 -1.33 -34.46
C LEU B 183 3.35 -2.03 -33.56
N ALA B 184 3.29 -3.35 -33.52
CA ALA B 184 4.24 -4.06 -32.66
C ALA B 184 5.51 -4.37 -33.41
N GLY B 185 5.48 -4.14 -34.74
CA GLY B 185 6.62 -4.39 -35.60
C GLY B 185 6.28 -5.36 -36.72
N GLN B 186 6.73 -5.00 -37.90
CA GLN B 186 6.51 -5.75 -39.13
C GLN B 186 6.71 -7.26 -38.97
N ALA B 187 7.59 -7.69 -38.06
CA ALA B 187 7.83 -9.11 -37.88
C ALA B 187 6.89 -9.77 -36.90
N SER B 188 6.05 -8.98 -36.21
CA SER B 188 5.08 -9.54 -35.28
C SER B 188 4.10 -10.37 -36.07
N PRO B 189 3.69 -11.47 -35.46
CA PRO B 189 2.80 -12.45 -36.06
C PRO B 189 1.31 -12.11 -36.01
N ASN B 190 0.92 -11.14 -35.18
CA ASN B 190 -0.49 -10.78 -35.16
C ASN B 190 -0.72 -9.37 -34.67
N ILE B 191 -1.99 -8.97 -34.72
CA ILE B 191 -2.31 -7.63 -34.27
C ILE B 191 -3.36 -7.70 -33.17
N ASN B 192 -3.49 -8.89 -32.66
CA ASN B 192 -4.45 -9.21 -31.61
C ASN B 192 -4.39 -8.30 -30.41
N ASP B 193 -3.19 -7.82 -30.15
CA ASP B 193 -2.90 -6.96 -29.02
C ASP B 193 -3.22 -5.51 -29.33
N HIS B 194 -3.56 -5.23 -30.57
CA HIS B 194 -3.88 -3.87 -30.88
C HIS B 194 -5.25 -3.51 -30.36
N GLU B 195 -5.37 -2.24 -30.02
CA GLU B 195 -6.57 -1.63 -29.52
C GLU B 195 -6.99 -0.60 -30.57
N VAL B 196 -8.16 -0.82 -31.13
CA VAL B 196 -8.69 -0.01 -32.21
C VAL B 196 -9.97 0.78 -31.90
N THR B 197 -10.05 1.98 -32.50
CA THR B 197 -11.18 2.88 -32.40
C THR B 197 -11.49 3.47 -33.75
N ILE B 198 -12.75 3.42 -34.15
CA ILE B 198 -13.14 4.01 -35.42
C ILE B 198 -14.37 4.88 -35.25
N GLU B 199 -14.24 6.17 -35.55
CA GLU B 199 -15.37 7.08 -35.42
C GLU B 199 -16.37 6.94 -36.55
N ALA B 200 -17.23 5.94 -36.45
CA ALA B 200 -18.23 5.69 -37.46
C ALA B 200 -19.48 5.21 -36.80
N ASP B 201 -20.61 5.79 -37.20
CA ASP B 201 -21.91 5.43 -36.66
C ASP B 201 -22.50 4.33 -37.52
N THR B 202 -22.04 4.28 -38.76
CA THR B 202 -22.54 3.30 -39.69
C THR B 202 -21.46 2.53 -40.43
N TYR B 203 -21.81 1.31 -40.90
CA TYR B 203 -20.89 0.45 -41.62
C TYR B 203 -21.63 -0.14 -42.81
N LEU B 204 -20.91 -0.67 -43.78
CA LEU B 204 -21.52 -1.25 -44.95
C LEU B 204 -21.46 -2.76 -44.93
N PRO B 205 -22.59 -3.40 -44.65
CA PRO B 205 -22.62 -4.84 -44.67
C PRO B 205 -22.51 -5.26 -46.12
N VAL B 206 -21.83 -6.35 -46.35
CA VAL B 206 -21.61 -6.82 -47.70
C VAL B 206 -22.23 -8.15 -47.93
N ASP B 207 -22.42 -8.51 -49.20
CA ASP B 207 -22.98 -9.79 -49.57
C ASP B 207 -21.90 -10.89 -49.72
N GLU B 208 -22.39 -12.00 -50.26
CA GLU B 208 -21.62 -13.19 -50.55
C GLU B 208 -20.41 -12.95 -51.44
N THR B 209 -20.43 -11.87 -52.22
CA THR B 209 -19.27 -11.61 -53.07
C THR B 209 -18.48 -10.44 -52.54
N LEU B 210 -18.75 -10.09 -51.29
CA LEU B 210 -18.03 -8.99 -50.69
C LEU B 210 -18.45 -7.64 -51.24
N ILE B 211 -19.64 -7.58 -51.77
CA ILE B 211 -20.13 -6.33 -52.28
C ILE B 211 -21.13 -5.76 -51.32
N PRO B 212 -21.13 -4.45 -51.18
CA PRO B 212 -22.04 -3.84 -50.24
C PRO B 212 -23.49 -4.16 -50.53
N THR B 213 -24.23 -4.59 -49.51
CA THR B 213 -25.62 -4.90 -49.80
C THR B 213 -26.38 -3.68 -50.19
N GLY B 214 -25.97 -2.53 -49.68
CA GLY B 214 -26.69 -1.33 -49.99
C GLY B 214 -27.20 -0.73 -48.69
N GLU B 215 -27.25 -1.56 -47.68
CA GLU B 215 -27.69 -1.06 -46.43
C GLU B 215 -26.59 -0.28 -45.71
N VAL B 216 -26.97 0.86 -45.18
CA VAL B 216 -26.05 1.66 -44.41
C VAL B 216 -26.39 1.26 -42.98
N ALA B 217 -25.81 0.18 -42.51
CA ALA B 217 -26.15 -0.34 -41.20
C ALA B 217 -25.54 0.40 -40.04
N PRO B 218 -26.31 0.61 -38.98
CA PRO B 218 -25.83 1.26 -37.79
C PRO B 218 -24.93 0.28 -37.09
N VAL B 219 -23.97 0.75 -36.33
CA VAL B 219 -23.09 -0.16 -35.65
C VAL B 219 -23.62 -0.41 -34.25
N GLN B 220 -24.56 0.39 -33.82
CA GLN B 220 -25.10 0.19 -32.48
C GLN B 220 -25.48 -1.28 -32.28
N GLY B 221 -24.98 -1.91 -31.23
CA GLY B 221 -25.33 -3.29 -30.90
C GLY B 221 -24.78 -4.33 -31.82
N THR B 222 -23.81 -3.92 -32.58
CA THR B 222 -23.13 -4.71 -33.59
C THR B 222 -21.71 -4.92 -33.13
N ALA B 223 -21.02 -5.81 -33.83
CA ALA B 223 -19.61 -6.10 -33.54
C ALA B 223 -18.73 -5.07 -34.25
N PHE B 224 -19.41 -4.22 -35.03
CA PHE B 224 -18.82 -3.18 -35.79
C PHE B 224 -18.80 -1.85 -35.10
N ASP B 225 -19.12 -1.82 -33.82
CA ASP B 225 -19.11 -0.59 -33.06
C ASP B 225 -17.75 -0.40 -32.46
N LEU B 226 -16.88 0.29 -33.18
CA LEU B 226 -15.54 0.55 -32.75
C LEU B 226 -15.35 1.96 -32.27
N ARG B 227 -16.47 2.59 -31.99
CA ARG B 227 -16.46 3.95 -31.52
C ARG B 227 -15.68 4.09 -30.24
N LYS B 228 -15.59 2.99 -29.49
CA LYS B 228 -14.82 2.96 -28.26
C LYS B 228 -13.71 1.98 -28.47
N PRO B 229 -12.57 2.28 -27.94
CA PRO B 229 -11.46 1.39 -28.16
C PRO B 229 -11.75 0.01 -27.69
N VAL B 230 -11.32 -0.93 -28.52
CA VAL B 230 -11.44 -2.35 -28.24
C VAL B 230 -10.15 -3.07 -28.54
N GLU B 231 -9.97 -4.19 -27.86
CA GLU B 231 -8.80 -4.97 -28.08
C GLU B 231 -9.14 -5.91 -29.21
N LEU B 232 -8.48 -5.75 -30.35
CA LEU B 232 -8.76 -6.57 -31.51
C LEU B 232 -9.04 -8.03 -31.16
N GLY B 233 -8.06 -8.67 -30.50
CA GLY B 233 -8.17 -10.06 -30.06
C GLY B 233 -9.45 -10.36 -29.28
N LYS B 234 -9.64 -9.72 -28.11
CA LYS B 234 -10.86 -9.99 -27.36
C LYS B 234 -12.05 -9.89 -28.27
N HIS B 235 -12.25 -8.69 -28.78
CA HIS B 235 -13.35 -8.38 -29.67
C HIS B 235 -13.68 -9.42 -30.72
N LEU B 236 -12.68 -9.83 -31.48
CA LEU B 236 -12.99 -10.81 -32.50
C LEU B 236 -13.59 -12.07 -31.90
N GLN B 237 -12.94 -12.48 -30.82
CA GLN B 237 -13.31 -13.67 -30.04
C GLN B 237 -14.70 -13.52 -29.45
N ASP B 238 -14.88 -12.50 -28.64
CA ASP B 238 -16.15 -12.23 -28.04
C ASP B 238 -17.27 -12.26 -29.06
N PHE B 239 -17.04 -11.59 -30.18
CA PHE B 239 -18.03 -11.51 -31.23
C PHE B 239 -18.00 -12.67 -32.22
N HIS B 240 -17.08 -13.62 -32.05
CA HIS B 240 -17.04 -14.73 -32.99
C HIS B 240 -16.92 -14.25 -34.40
N LEU B 241 -16.00 -13.33 -34.56
CA LEU B 241 -15.75 -12.76 -35.85
C LEU B 241 -14.41 -13.24 -36.36
N ASN B 242 -14.30 -13.46 -37.64
CA ASN B 242 -13.04 -13.91 -38.15
C ASN B 242 -12.02 -12.77 -38.34
N GLY B 243 -12.52 -11.57 -38.56
CA GLY B 243 -11.69 -10.39 -38.75
C GLY B 243 -12.57 -9.35 -39.37
N PHE B 244 -11.99 -8.35 -40.02
CA PHE B 244 -12.79 -7.32 -40.68
C PHE B 244 -12.33 -7.08 -42.09
N ASP B 245 -13.28 -6.67 -42.87
CA ASP B 245 -13.02 -6.35 -44.23
C ASP B 245 -14.21 -5.58 -44.63
N HIS B 246 -14.39 -4.47 -43.91
CA HIS B 246 -15.52 -3.60 -44.08
C HIS B 246 -15.23 -2.11 -44.20
N ASN B 247 -16.17 -1.41 -44.82
CA ASN B 247 -16.11 0.03 -44.99
C ASN B 247 -16.88 0.73 -43.87
N PHE B 248 -16.19 1.54 -43.08
CA PHE B 248 -16.81 2.30 -42.00
C PHE B 248 -17.14 3.67 -42.55
N CYS B 249 -18.38 4.07 -42.40
CA CYS B 249 -18.78 5.34 -42.92
C CYS B 249 -18.37 6.43 -41.97
N LEU B 250 -17.54 7.28 -42.52
CA LEU B 250 -17.10 8.31 -41.66
C LEU B 250 -18.08 9.42 -41.71
N LYS B 251 -18.01 10.18 -40.63
CA LYS B 251 -18.87 11.33 -40.44
C LYS B 251 -18.16 12.62 -40.80
N GLY B 252 -18.55 13.18 -41.94
CA GLY B 252 -17.88 14.42 -42.27
C GLY B 252 -18.22 15.09 -43.59
N SER B 253 -17.53 16.22 -43.68
CA SER B 253 -17.56 17.11 -44.80
C SER B 253 -16.43 16.61 -45.69
N LYS B 254 -15.67 17.54 -46.22
CA LYS B 254 -14.53 17.23 -47.05
C LYS B 254 -13.35 17.81 -46.33
N GLU B 255 -13.67 18.28 -45.15
CA GLU B 255 -12.72 18.87 -44.27
C GLU B 255 -12.04 17.76 -43.52
N LYS B 256 -10.90 18.08 -42.95
CA LYS B 256 -10.15 17.14 -42.19
C LYS B 256 -11.00 16.59 -41.04
N HIS B 257 -11.09 15.26 -40.99
CA HIS B 257 -11.83 14.61 -39.94
C HIS B 257 -11.13 13.39 -39.39
N PHE B 258 -11.33 13.16 -38.08
CA PHE B 258 -10.75 12.05 -37.36
C PHE B 258 -11.23 10.76 -37.97
N CYS B 259 -10.38 9.79 -38.01
CA CYS B 259 -10.88 8.60 -38.63
C CYS B 259 -10.67 7.41 -37.74
N ALA B 260 -9.46 7.23 -37.29
CA ALA B 260 -9.22 6.10 -36.44
C ALA B 260 -8.00 6.31 -35.60
N ARG B 261 -7.89 5.43 -34.64
CA ARG B 261 -6.76 5.43 -33.73
C ARG B 261 -6.47 3.99 -33.38
N VAL B 262 -5.19 3.64 -33.57
CA VAL B 262 -4.73 2.31 -33.27
C VAL B 262 -3.63 2.47 -32.24
N HIS B 263 -3.71 1.69 -31.18
CA HIS B 263 -2.75 1.83 -30.11
C HIS B 263 -2.14 0.52 -29.67
N HIS B 264 -0.80 0.50 -29.66
CA HIS B 264 -0.08 -0.67 -29.24
C HIS B 264 0.57 -0.31 -27.90
N ALA B 265 -0.18 -0.62 -26.87
CA ALA B 265 0.17 -0.36 -25.48
C ALA B 265 1.57 -0.82 -25.07
N ALA B 266 1.94 -2.03 -25.47
CA ALA B 266 3.26 -2.54 -25.14
C ALA B 266 4.33 -1.60 -25.69
N SER B 267 4.22 -1.29 -26.98
CA SER B 267 5.19 -0.43 -27.62
C SER B 267 4.92 1.00 -27.28
N GLY B 268 3.66 1.24 -26.98
CA GLY B 268 3.17 2.58 -26.64
C GLY B 268 2.95 3.37 -27.92
N ARG B 269 3.20 2.68 -29.03
CA ARG B 269 3.01 3.28 -30.35
C ARG B 269 1.54 3.57 -30.62
N VAL B 270 1.29 4.75 -31.13
CA VAL B 270 -0.04 5.17 -31.49
C VAL B 270 -0.09 5.67 -32.91
N LEU B 271 -1.18 5.35 -33.58
CA LEU B 271 -1.38 5.78 -34.94
C LEU B 271 -2.74 6.40 -35.02
N GLU B 272 -2.76 7.67 -35.41
CA GLU B 272 -4.01 8.36 -35.55
C GLU B 272 -4.21 8.68 -37.00
N VAL B 273 -5.45 8.50 -37.46
CA VAL B 273 -5.81 8.76 -38.83
C VAL B 273 -6.87 9.83 -39.04
N TYR B 274 -6.53 10.77 -39.89
CA TYR B 274 -7.40 11.84 -40.29
C TYR B 274 -7.48 11.78 -41.80
N THR B 275 -8.65 12.15 -42.30
CA THR B 275 -8.83 12.15 -43.72
C THR B 275 -9.92 13.10 -44.14
N THR B 276 -10.00 13.29 -45.46
CA THR B 276 -11.03 14.08 -46.11
C THR B 276 -12.05 13.13 -46.72
N GLN B 277 -11.74 11.83 -46.75
CA GLN B 277 -12.58 10.78 -47.31
C GLN B 277 -13.80 10.47 -46.45
N PRO B 278 -14.87 10.04 -47.09
CA PRO B 278 -16.11 9.73 -46.41
C PRO B 278 -16.13 8.31 -45.85
N GLY B 279 -15.14 7.53 -46.22
CA GLY B 279 -15.09 6.18 -45.70
C GLY B 279 -13.69 5.70 -45.40
N VAL B 280 -13.67 4.54 -44.79
CA VAL B 280 -12.45 3.87 -44.47
C VAL B 280 -12.60 2.35 -44.48
N GLN B 281 -11.84 1.67 -45.33
CA GLN B 281 -11.84 0.21 -45.36
C GLN B 281 -11.00 -0.29 -44.20
N PHE B 282 -11.59 -1.07 -43.32
CA PHE B 282 -10.83 -1.62 -42.24
C PHE B 282 -10.67 -3.09 -42.56
N TYR B 283 -9.43 -3.53 -42.81
CA TYR B 283 -9.15 -4.91 -43.19
C TYR B 283 -8.01 -5.47 -42.37
N THR B 284 -8.25 -6.64 -41.76
CA THR B 284 -7.33 -7.28 -40.85
C THR B 284 -6.43 -8.36 -41.40
N GLY B 285 -6.01 -8.25 -42.65
CA GLY B 285 -5.11 -9.23 -43.24
C GLY B 285 -5.60 -10.66 -43.06
N ASN B 286 -6.90 -10.83 -43.15
CA ASN B 286 -7.48 -12.15 -42.97
C ASN B 286 -7.06 -13.14 -44.05
N PHE B 287 -6.63 -12.64 -45.22
CA PHE B 287 -6.19 -13.45 -46.34
C PHE B 287 -4.71 -13.77 -46.38
N LEU B 288 -3.97 -13.32 -45.37
CA LEU B 288 -2.57 -13.64 -45.33
C LEU B 288 -2.45 -15.14 -44.97
N ASP B 289 -1.64 -15.87 -45.72
CA ASP B 289 -1.49 -17.30 -45.49
C ASP B 289 -0.12 -17.67 -45.06
N GLY B 290 0.63 -16.68 -44.65
CA GLY B 290 1.98 -16.94 -44.22
C GLY B 290 2.86 -17.64 -45.24
N THR B 291 2.66 -17.41 -46.55
CA THR B 291 3.51 -18.05 -47.54
C THR B 291 4.45 -17.09 -48.21
N LEU B 292 4.37 -15.85 -47.77
CA LEU B 292 5.15 -14.77 -48.32
C LEU B 292 6.45 -14.51 -47.62
N LYS B 293 7.41 -14.20 -48.49
CA LYS B 293 8.78 -13.87 -48.21
C LYS B 293 8.98 -12.38 -47.90
N GLY B 294 8.58 -11.95 -46.70
CA GLY B 294 8.69 -10.56 -46.27
C GLY B 294 10.10 -10.15 -45.86
N LYS B 295 10.21 -8.94 -45.32
CA LYS B 295 11.47 -8.37 -44.88
C LYS B 295 11.97 -8.96 -43.59
N ASN B 296 13.28 -9.07 -43.53
CA ASN B 296 13.97 -9.62 -42.37
C ASN B 296 13.49 -11.00 -42.03
N GLY B 297 13.40 -11.83 -43.05
CA GLY B 297 12.96 -13.17 -42.85
C GLY B 297 11.51 -13.22 -42.41
N ALA B 298 10.91 -12.06 -42.22
CA ALA B 298 9.51 -12.09 -41.86
C ALA B 298 8.71 -12.76 -42.97
N VAL B 299 7.65 -13.43 -42.55
CA VAL B 299 6.74 -14.11 -43.45
C VAL B 299 5.39 -13.64 -43.00
N TYR B 300 4.40 -13.66 -43.84
CA TYR B 300 3.24 -13.05 -43.24
C TYR B 300 2.03 -13.90 -43.05
N PRO B 301 1.77 -14.22 -41.80
CA PRO B 301 0.61 -15.03 -41.42
C PRO B 301 -0.66 -14.19 -41.36
N LYS B 302 -1.79 -14.87 -41.48
CA LYS B 302 -3.06 -14.21 -41.43
C LYS B 302 -3.13 -13.39 -40.14
N HIS B 303 -3.59 -12.16 -40.25
CA HIS B 303 -3.75 -11.26 -39.14
C HIS B 303 -2.45 -10.62 -38.69
N SER B 304 -1.42 -10.74 -39.55
CA SER B 304 -0.10 -10.21 -39.28
C SER B 304 0.02 -8.68 -39.47
N GLY B 305 -0.97 -8.08 -40.13
CA GLY B 305 -1.01 -6.63 -40.37
C GLY B 305 -2.41 -6.12 -40.67
N PHE B 306 -2.62 -4.81 -40.62
CA PHE B 306 -3.94 -4.31 -40.90
C PHE B 306 -3.83 -3.11 -41.80
N CYS B 307 -4.89 -2.87 -42.55
CA CYS B 307 -4.97 -1.74 -43.47
C CYS B 307 -6.10 -0.82 -43.08
N LEU B 308 -5.92 0.46 -43.38
CA LEU B 308 -6.91 1.48 -43.14
C LEU B 308 -6.97 2.31 -44.40
N GLU B 309 -7.73 1.83 -45.36
CA GLU B 309 -7.81 2.53 -46.61
C GLU B 309 -8.86 3.59 -46.65
N THR B 310 -8.46 4.84 -46.49
CA THR B 310 -9.44 5.91 -46.53
C THR B 310 -9.87 5.96 -47.95
N GLN B 311 -11.15 6.09 -48.16
CA GLN B 311 -11.70 6.08 -49.49
C GLN B 311 -13.16 6.44 -49.54
N ASN B 312 -13.68 6.33 -50.75
CA ASN B 312 -15.08 6.48 -51.01
C ASN B 312 -15.61 5.04 -50.85
N TRP B 313 -16.88 4.85 -50.56
CA TRP B 313 -17.46 3.53 -50.33
C TRP B 313 -17.44 2.66 -51.55
N PRO B 314 -17.18 1.38 -51.35
CA PRO B 314 -17.16 0.40 -52.41
C PRO B 314 -18.47 0.36 -53.18
N ASP B 315 -18.35 0.05 -54.46
CA ASP B 315 -19.44 -0.01 -55.41
C ASP B 315 -20.24 1.29 -55.50
N ALA B 316 -19.64 2.41 -55.10
CA ALA B 316 -20.38 3.66 -55.16
C ALA B 316 -20.97 3.94 -56.53
N VAL B 317 -20.20 3.70 -57.60
CA VAL B 317 -20.71 3.96 -58.95
C VAL B 317 -22.03 3.31 -59.18
N ASN B 318 -22.32 2.25 -58.43
CA ASN B 318 -23.56 1.55 -58.64
C ASN B 318 -24.57 1.79 -57.53
N GLN B 319 -24.20 2.53 -56.50
CA GLN B 319 -25.11 2.78 -55.41
C GLN B 319 -25.40 4.25 -55.36
N PRO B 320 -26.61 4.62 -55.75
CA PRO B 320 -26.96 6.02 -55.75
C PRO B 320 -27.00 6.66 -54.38
N ARG B 321 -27.35 5.89 -53.35
CA ARG B 321 -27.35 6.47 -52.03
C ARG B 321 -25.96 6.76 -51.44
N PHE B 322 -24.92 6.19 -52.08
CA PHE B 322 -23.51 6.31 -51.69
C PHE B 322 -22.97 7.62 -52.19
N PRO B 323 -21.92 8.16 -51.53
CA PRO B 323 -21.34 9.44 -51.95
C PRO B 323 -20.84 9.38 -53.39
N PRO B 324 -20.91 10.51 -54.10
CA PRO B 324 -20.49 10.58 -55.50
C PRO B 324 -19.01 10.27 -55.72
N VAL B 325 -18.70 9.55 -56.81
CA VAL B 325 -17.36 9.12 -57.17
C VAL B 325 -17.00 9.55 -58.53
N LEU B 326 -17.93 10.22 -59.16
CA LEU B 326 -17.66 10.69 -60.49
C LEU B 326 -16.83 11.95 -60.47
N LEU B 327 -15.94 11.97 -61.42
CA LEU B 327 -15.07 13.09 -61.65
C LEU B 327 -15.26 13.57 -63.08
N ARG B 328 -15.66 14.84 -63.23
CA ARG B 328 -15.95 15.43 -64.54
C ARG B 328 -14.87 16.40 -64.97
N PRO B 329 -14.85 16.70 -66.23
CA PRO B 329 -13.80 17.60 -66.63
C PRO B 329 -14.04 18.96 -66.04
N GLY B 330 -12.94 19.63 -65.76
CA GLY B 330 -13.00 20.95 -65.19
C GLY B 330 -12.94 20.90 -63.68
N GLU B 331 -13.27 19.74 -63.13
CA GLU B 331 -13.20 19.64 -61.69
C GLU B 331 -11.85 19.08 -61.28
N GLU B 332 -11.64 19.01 -59.98
CA GLU B 332 -10.39 18.47 -59.53
C GLU B 332 -10.56 17.54 -58.36
N TYR B 333 -10.14 16.31 -58.51
CA TYR B 333 -10.24 15.39 -57.40
C TYR B 333 -9.16 15.78 -56.42
N ASP B 334 -9.48 15.82 -55.13
CA ASP B 334 -8.46 16.22 -54.19
C ASP B 334 -8.73 15.75 -52.78
N HIS B 335 -8.07 14.68 -52.35
CA HIS B 335 -8.25 14.12 -51.00
C HIS B 335 -6.95 13.88 -50.29
N THR B 336 -6.95 14.15 -48.99
CA THR B 336 -5.77 13.98 -48.16
C THR B 336 -5.99 13.14 -46.94
N THR B 337 -4.99 12.38 -46.57
CA THR B 337 -5.05 11.52 -45.41
C THR B 337 -3.82 11.74 -44.56
N TRP B 338 -4.03 11.91 -43.26
CA TRP B 338 -2.90 12.13 -42.37
C TRP B 338 -2.59 10.93 -41.54
N PHE B 339 -1.38 10.43 -41.64
CA PHE B 339 -0.98 9.32 -40.79
C PHE B 339 -0.12 9.93 -39.70
N LYS B 340 -0.71 10.13 -38.53
CA LYS B 340 0.00 10.73 -37.43
C LYS B 340 0.51 9.72 -36.42
N PHE B 341 1.81 9.66 -36.26
CA PHE B 341 2.30 8.70 -35.30
C PHE B 341 2.71 9.34 -33.99
N SER B 342 2.49 8.62 -32.91
CA SER B 342 2.82 9.16 -31.61
C SER B 342 3.15 8.10 -30.60
N VAL B 343 3.17 8.56 -29.37
CA VAL B 343 3.48 7.68 -28.27
C VAL B 343 2.51 7.85 -27.14
N ALA B 344 2.14 6.72 -26.59
CA ALA B 344 1.21 6.72 -25.48
C ALA B 344 1.42 5.49 -24.59
#